data_9D5X
#
_entry.id   9D5X
#
_cell.length_a   75.836
_cell.length_b   73.227
_cell.length_c   82.861
_cell.angle_alpha   90.00
_cell.angle_beta   103.97
_cell.angle_gamma   90.00
#
_symmetry.space_group_name_H-M   'P 1 21 1'
#
loop_
_entity.id
_entity.type
_entity.pdbx_description
1 polymer 'Group II intron-like 4 reverse transcriptase'
2 non-polymer UREA
3 water water
#
_entity_poly.entity_id   1
_entity_poly.type   'polypeptide(L)'
_entity_poly.pdbx_seq_one_letter_code
;MSRLYKDICSLRTLYGAWRKVRSSAFLSSSDEIRREAEEFESRLPDSLIEIQHALSKQIFIFLQQTGVAQKKPGGKSRPL
VLAPIPNRVVQRALLDVLQRRVRLVKRVLGTPTSYGGIPDKRVAMAIADAREAMRTGARFHIRSDIPAFFTKINKDRVLE
LLRPHLNCEATLKLFEEAIRTDLANIDDLRRKGLDEIFPIGIEGVAQGSPLSPLLANIYLADFDLAMNSNGITCLRYIDD
FLLLGASLSDVDKAFNRALKELGKIGLEAYDPRTDKTKASRGATEIGFDFLGCNVSPGLIQPSEATRRRFRAKLDAEFVA
ASHALRYNAQYQDGDGKYSYSSALYRIDKIILGWGKAFTFCNGSQCMIALDDFISNKLAQLEAEKIAILANSDSTVRRRV
LGVRLLIDIQN
;
_entity_poly.pdbx_strand_id   A,B
#
loop_
_chem_comp.id
_chem_comp.type
_chem_comp.name
_chem_comp.formula
URE non-polymer UREA 'C H4 N2 O'
#
# COMPACT_ATOMS: atom_id res chain seq x y z
N MET A 1 4.05 34.81 -13.89
CA MET A 1 3.50 33.49 -14.16
C MET A 1 1.97 33.54 -14.12
N SER A 2 1.34 32.85 -15.07
CA SER A 2 -0.11 32.89 -15.20
C SER A 2 -0.77 32.01 -14.14
N ARG A 3 -2.05 32.29 -13.89
CA ARG A 3 -2.81 31.48 -12.94
C ARG A 3 -3.05 30.07 -13.47
N LEU A 4 -3.02 29.89 -14.80
CA LEU A 4 -3.18 28.56 -15.36
C LEU A 4 -1.94 27.69 -15.08
N TYR A 5 -0.75 28.27 -15.21
CA TYR A 5 0.47 27.51 -14.98
C TYR A 5 0.76 27.33 -13.49
N LYS A 6 0.43 28.32 -12.67
CA LYS A 6 0.55 28.14 -11.22
C LYS A 6 -0.37 27.05 -10.72
N ASP A 7 -1.51 26.85 -11.39
CA ASP A 7 -2.43 25.80 -10.99
C ASP A 7 -1.86 24.42 -11.26
N ILE A 8 -1.12 24.27 -12.37
CA ILE A 8 -0.50 22.99 -12.69
C ILE A 8 0.65 22.69 -11.73
N CYS A 9 1.36 23.73 -11.29
CA CYS A 9 2.52 23.55 -10.42
C CYS A 9 2.13 23.40 -8.95
N SER A 10 0.90 23.72 -8.58
CA SER A 10 0.49 23.60 -7.18
C SER A 10 0.48 22.14 -6.75
N LEU A 11 0.97 21.89 -5.54
CA LEU A 11 1.07 20.52 -5.03
C LEU A 11 -0.30 19.88 -4.85
N ARG A 12 -1.35 20.68 -4.67
CA ARG A 12 -2.69 20.11 -4.53
C ARG A 12 -3.11 19.39 -5.81
N THR A 13 -2.91 20.03 -6.96
CA THR A 13 -3.25 19.39 -8.23
C THR A 13 -2.25 18.30 -8.59
N LEU A 14 -1.00 18.44 -8.15
CA LEU A 14 -0.02 17.38 -8.36
C LEU A 14 -0.32 16.16 -7.51
N TYR A 15 -0.99 16.36 -6.37
CA TYR A 15 -1.32 15.23 -5.51
C TYR A 15 -2.53 14.46 -6.03
N GLY A 16 -3.57 15.17 -6.44
CA GLY A 16 -4.69 14.50 -7.10
C GLY A 16 -4.27 13.83 -8.39
N ALA A 17 -3.22 14.35 -9.04
CA ALA A 17 -2.72 13.70 -10.25
C ALA A 17 -2.02 12.39 -9.92
N TRP A 18 -1.19 12.37 -8.87
CA TRP A 18 -0.47 11.14 -8.55
C TRP A 18 -1.39 10.09 -7.95
N ARG A 19 -2.42 10.51 -7.20
CA ARG A 19 -3.37 9.54 -6.66
C ARG A 19 -4.07 8.77 -7.77
N LYS A 20 -4.32 9.42 -8.91
CA LYS A 20 -4.91 8.72 -10.04
C LYS A 20 -3.88 7.83 -10.73
N VAL A 21 -2.65 8.33 -10.89
CA VAL A 21 -1.58 7.51 -11.45
C VAL A 21 -1.35 6.27 -10.58
N ARG A 22 -1.42 6.45 -9.26
CA ARG A 22 -1.30 5.30 -8.36
C ARG A 22 -2.47 4.35 -8.53
N SER A 23 -3.67 4.88 -8.72
CA SER A 23 -4.85 4.03 -8.89
C SER A 23 -4.78 3.26 -10.20
N SER A 24 -4.35 3.92 -11.28
CA SER A 24 -4.25 3.24 -12.57
C SER A 24 -3.19 2.15 -12.55
N ALA A 25 -2.14 2.32 -11.73
CA ALA A 25 -1.10 1.30 -11.65
C ALA A 25 -1.63 0.03 -11.00
N PHE A 26 -2.52 0.18 -10.01
CA PHE A 26 -3.09 -0.99 -9.35
C PHE A 26 -4.18 -1.65 -10.18
N LEU A 27 -4.91 -0.87 -10.99
CA LEU A 27 -5.86 -1.44 -11.93
C LEU A 27 -5.19 -2.28 -13.00
N SER A 28 -3.87 -2.20 -13.11
CA SER A 28 -3.10 -3.05 -14.02
C SER A 28 -2.65 -4.31 -13.29
N SER A 29 -2.51 -5.40 -14.05
CA SER A 29 -2.07 -6.66 -13.48
C SER A 29 -0.56 -6.76 -13.33
N SER A 30 0.19 -5.94 -14.07
CA SER A 30 1.65 -6.01 -14.03
C SER A 30 2.17 -5.68 -12.63
N ASP A 31 2.92 -6.62 -12.05
CA ASP A 31 3.52 -6.37 -10.74
C ASP A 31 4.59 -5.31 -10.81
N GLU A 32 5.28 -5.19 -11.95
CA GLU A 32 6.30 -4.16 -12.09
C GLU A 32 5.68 -2.76 -12.09
N ILE A 33 4.52 -2.61 -12.70
CA ILE A 33 3.85 -1.32 -12.72
C ILE A 33 3.35 -0.96 -11.32
N ARG A 34 2.85 -1.95 -10.57
CA ARG A 34 2.40 -1.67 -9.21
C ARG A 34 3.57 -1.39 -8.27
N ARG A 35 4.73 -1.98 -8.52
CA ARG A 35 5.89 -1.73 -7.68
C ARG A 35 6.64 -0.48 -8.09
N GLU A 36 6.52 -0.05 -9.35
CA GLU A 36 7.11 1.22 -9.75
C GLU A 36 6.42 2.39 -9.06
N ALA A 37 5.10 2.30 -8.89
CA ALA A 37 4.37 3.32 -8.16
C ALA A 37 4.76 3.33 -6.68
N GLU A 38 5.15 2.18 -6.13
CA GLU A 38 5.56 2.13 -4.74
C GLU A 38 6.94 2.75 -4.54
N GLU A 39 7.82 2.65 -5.55
CA GLU A 39 9.13 3.26 -5.43
C GLU A 39 9.05 4.78 -5.47
N PHE A 40 8.19 5.32 -6.32
CA PHE A 40 7.93 6.76 -6.28
C PHE A 40 7.24 7.16 -4.99
N GLU A 41 6.45 6.26 -4.41
CA GLU A 41 5.81 6.51 -3.13
C GLU A 41 6.80 6.47 -1.97
N SER A 42 7.94 5.78 -2.15
CA SER A 42 8.95 5.71 -1.11
C SER A 42 9.66 7.04 -0.88
N ARG A 43 9.54 7.97 -1.83
CA ARG A 43 10.09 9.32 -1.68
C ARG A 43 8.99 10.38 -1.77
N LEU A 44 7.78 10.01 -1.35
CA LEU A 44 6.57 10.84 -1.50
C LEU A 44 6.76 12.32 -1.23
N PRO A 45 7.45 12.77 -0.16
CA PRO A 45 7.62 14.22 0.04
C PRO A 45 8.42 14.87 -1.08
N ASP A 46 9.67 14.44 -1.26
CA ASP A 46 10.56 15.09 -2.20
C ASP A 46 10.34 14.65 -3.65
N SER A 47 9.65 13.54 -3.87
CA SER A 47 9.44 13.07 -5.24
C SER A 47 8.49 14.00 -5.99
N LEU A 48 7.36 14.35 -5.38
CA LEU A 48 6.44 15.29 -6.01
C LEU A 48 6.89 16.73 -5.88
N ILE A 49 7.73 17.05 -4.90
CA ILE A 49 8.23 18.41 -4.76
C ILE A 49 9.29 18.69 -5.82
N GLU A 50 10.11 17.68 -6.15
CA GLU A 50 11.07 17.84 -7.25
C GLU A 50 10.37 18.24 -8.55
N ILE A 51 9.21 17.63 -8.81
CA ILE A 51 8.43 18.01 -9.99
C ILE A 51 7.91 19.43 -9.85
N GLN A 52 7.26 19.73 -8.71
CA GLN A 52 6.75 21.07 -8.46
C GLN A 52 7.83 22.13 -8.63
N HIS A 53 9.04 21.84 -8.15
CA HIS A 53 10.12 22.82 -8.24
C HIS A 53 10.58 23.00 -9.68
N ALA A 54 10.81 21.90 -10.40
CA ALA A 54 11.29 22.00 -11.78
C ALA A 54 10.25 22.63 -12.69
N LEU A 55 8.97 22.42 -12.41
CA LEU A 55 7.92 23.07 -13.19
C LEU A 55 7.95 24.57 -13.00
N SER A 56 8.07 25.03 -11.74
CA SER A 56 8.17 26.45 -11.47
C SER A 56 9.38 27.08 -12.16
N LYS A 57 10.48 26.32 -12.27
CA LYS A 57 11.65 26.78 -12.99
C LYS A 57 11.56 26.55 -14.50
N GLN A 58 10.47 25.93 -14.95
CA GLN A 58 10.27 25.59 -16.37
C GLN A 58 11.44 24.77 -16.91
N ILE A 59 11.82 23.75 -16.15
CA ILE A 59 12.89 22.82 -16.52
C ILE A 59 12.24 21.44 -16.65
N PHE A 60 12.11 20.97 -17.88
CA PHE A 60 11.31 19.78 -18.18
C PHE A 60 12.16 18.57 -18.53
N ILE A 61 13.41 18.52 -18.07
CA ILE A 61 14.26 17.38 -18.39
C ILE A 61 13.78 16.13 -17.66
N PHE A 62 13.10 16.29 -16.53
CA PHE A 62 12.62 15.14 -15.77
C PHE A 62 11.57 14.33 -16.51
N LEU A 63 11.00 14.86 -17.60
CA LEU A 63 10.01 14.12 -18.36
C LEU A 63 10.59 12.90 -19.06
N GLN A 64 11.90 12.90 -19.34
CA GLN A 64 12.55 11.73 -19.94
C GLN A 64 12.65 10.60 -18.93
N PRO A 79 11.79 -0.86 -23.35
CA PRO A 79 11.33 -1.78 -22.30
C PRO A 79 10.27 -1.15 -21.40
N LEU A 80 10.08 0.16 -21.52
CA LEU A 80 9.12 0.89 -20.71
C LEU A 80 7.84 1.07 -21.53
N VAL A 81 6.78 0.38 -21.13
CA VAL A 81 5.53 0.42 -21.88
C VAL A 81 4.71 1.64 -21.51
N LEU A 82 4.70 2.01 -20.23
CA LEU A 82 4.02 3.21 -19.77
C LEU A 82 5.00 4.37 -19.71
N ALA A 83 4.45 5.58 -19.65
CA ALA A 83 5.28 6.75 -19.42
C ALA A 83 5.85 6.71 -18.00
N PRO A 84 7.02 7.29 -17.79
CA PRO A 84 7.56 7.38 -16.43
C PRO A 84 6.60 8.13 -15.51
N ILE A 85 6.67 7.80 -14.22
CA ILE A 85 5.71 8.37 -13.26
C ILE A 85 5.79 9.89 -13.22
N PRO A 86 6.97 10.53 -13.19
CA PRO A 86 6.96 12.01 -13.29
C PRO A 86 6.27 12.52 -14.54
N ASN A 87 6.49 11.87 -15.68
CA ASN A 87 5.78 12.25 -16.89
C ASN A 87 4.29 11.94 -16.79
N ARG A 88 3.95 10.78 -16.22
CA ARG A 88 2.54 10.40 -16.06
C ARG A 88 1.81 11.36 -15.14
N VAL A 89 2.48 11.81 -14.07
CA VAL A 89 1.83 12.72 -13.12
C VAL A 89 1.58 14.08 -13.77
N VAL A 90 2.58 14.63 -14.45
CA VAL A 90 2.42 15.93 -15.09
C VAL A 90 1.33 15.88 -16.15
N GLN A 91 1.26 14.79 -16.92
CA GLN A 91 0.19 14.65 -17.91
C GLN A 91 -1.17 14.65 -17.25
N ARG A 92 -1.31 13.95 -16.12
CA ARG A 92 -2.59 13.91 -15.42
C ARG A 92 -2.92 15.29 -14.83
N ALA A 93 -1.93 15.97 -14.26
CA ALA A 93 -2.16 17.31 -13.74
C ALA A 93 -2.53 18.28 -14.86
N LEU A 94 -1.86 18.16 -16.01
CA LEU A 94 -2.19 19.00 -17.15
C LEU A 94 -3.62 18.77 -17.61
N LEU A 95 -4.08 17.51 -17.55
CA LEU A 95 -5.45 17.20 -17.96
C LEU A 95 -6.47 17.77 -16.98
N ASP A 96 -6.23 17.60 -15.68
CA ASP A 96 -7.17 18.08 -14.67
C ASP A 96 -7.34 19.59 -14.75
N VAL A 97 -6.24 20.33 -14.88
CA VAL A 97 -6.31 21.78 -14.87
C VAL A 97 -6.98 22.29 -16.14
N LEU A 98 -6.64 21.70 -17.30
CA LEU A 98 -7.19 22.19 -18.56
C LEU A 98 -8.70 21.94 -18.65
N GLN A 99 -9.16 20.78 -18.19
CA GLN A 99 -10.57 20.43 -18.36
C GLN A 99 -11.50 21.24 -17.47
N ARG A 100 -10.98 21.93 -16.45
CA ARG A 100 -11.79 22.78 -15.59
C ARG A 100 -11.46 24.26 -15.72
N ARG A 101 -10.61 24.64 -16.68
CA ARG A 101 -10.23 26.04 -16.85
C ARG A 101 -10.37 26.51 -18.29
N VAL A 102 -10.18 25.63 -19.26
CA VAL A 102 -10.20 25.99 -20.67
C VAL A 102 -11.53 25.55 -21.28
N ARG A 103 -12.18 26.46 -21.99
CA ARG A 103 -13.48 26.17 -22.56
C ARG A 103 -13.40 25.07 -23.61
N LEU A 104 -12.34 25.09 -24.44
CA LEU A 104 -12.23 24.10 -25.50
C LEU A 104 -11.96 22.71 -24.93
N VAL A 105 -11.10 22.62 -23.92
CA VAL A 105 -10.73 21.31 -23.39
C VAL A 105 -11.92 20.61 -22.74
N LYS A 106 -12.69 21.35 -21.94
CA LYS A 106 -13.92 20.78 -21.38
C LYS A 106 -14.94 20.47 -22.47
N ARG A 107 -14.87 21.20 -23.59
CA ARG A 107 -15.81 20.98 -24.69
C ARG A 107 -15.46 19.74 -25.49
N VAL A 108 -14.18 19.55 -25.80
CA VAL A 108 -13.79 18.39 -26.61
C VAL A 108 -13.81 17.10 -25.79
N LEU A 109 -13.59 17.20 -24.48
CA LEU A 109 -13.69 16.01 -23.65
C LEU A 109 -15.14 15.61 -23.41
N GLY A 110 -16.06 16.57 -23.48
CA GLY A 110 -17.47 16.30 -23.28
C GLY A 110 -18.21 16.02 -24.57
N THR A 111 -17.47 15.65 -25.62
CA THR A 111 -18.09 15.30 -26.88
C THR A 111 -18.92 14.03 -26.71
N PRO A 112 -20.19 14.02 -27.13
CA PRO A 112 -21.03 12.84 -26.88
C PRO A 112 -20.52 11.58 -27.54
N THR A 113 -19.98 11.67 -28.75
CA THR A 113 -19.52 10.50 -29.49
C THR A 113 -18.05 10.17 -29.24
N SER A 114 -17.41 10.83 -28.29
CA SER A 114 -16.02 10.57 -27.93
C SER A 114 -15.94 10.07 -26.50
N TYR A 115 -15.13 9.06 -26.27
CA TYR A 115 -15.04 8.42 -24.96
C TYR A 115 -13.59 8.26 -24.50
N LYS A 121 -18.21 8.32 -19.35
CA LYS A 121 -17.98 7.97 -20.74
C LYS A 121 -16.78 7.04 -20.89
N ARG A 122 -16.85 5.88 -20.27
CA ARG A 122 -15.80 4.88 -20.39
C ARG A 122 -16.12 3.96 -21.58
N VAL A 123 -15.47 2.81 -21.65
CA VAL A 123 -15.78 1.85 -22.70
C VAL A 123 -17.22 1.37 -22.60
N ALA A 124 -17.73 1.23 -21.38
CA ALA A 124 -19.09 0.74 -21.18
C ALA A 124 -20.12 1.70 -21.75
N MET A 125 -19.81 2.99 -21.80
CA MET A 125 -20.74 3.96 -22.37
C MET A 125 -20.71 3.94 -23.89
N ALA A 126 -19.53 3.76 -24.49
CA ALA A 126 -19.46 3.62 -25.94
C ALA A 126 -20.19 2.38 -26.41
N ILE A 127 -20.05 1.27 -25.67
CA ILE A 127 -20.77 0.06 -26.00
C ILE A 127 -22.26 0.25 -25.76
N ALA A 128 -22.63 0.97 -24.69
CA ALA A 128 -24.03 1.28 -24.45
C ALA A 128 -24.61 2.12 -25.58
N ASP A 129 -23.86 3.13 -26.04
CA ASP A 129 -24.33 3.93 -27.18
C ASP A 129 -24.41 3.09 -28.45
N ALA A 130 -23.53 2.11 -28.59
CA ALA A 130 -23.60 1.22 -29.74
C ALA A 130 -24.88 0.39 -29.72
N ARG A 131 -25.29 -0.07 -28.53
CA ARG A 131 -26.52 -0.84 -28.42
C ARG A 131 -27.75 0.02 -28.69
N GLU A 132 -27.72 1.30 -28.30
CA GLU A 132 -28.85 2.18 -28.57
C GLU A 132 -28.97 2.46 -30.06
N ALA A 133 -27.85 2.57 -30.76
CA ALA A 133 -27.90 2.77 -32.21
C ALA A 133 -28.47 1.54 -32.92
N MET A 134 -28.02 0.34 -32.52
CA MET A 134 -28.59 -0.88 -33.06
C MET A 134 -30.06 -1.01 -32.68
N ARG A 135 -30.42 -0.55 -31.49
CA ARG A 135 -31.81 -0.59 -31.05
C ARG A 135 -32.70 0.33 -31.88
N THR A 136 -32.11 1.30 -32.59
CA THR A 136 -32.88 2.28 -33.34
C THR A 136 -32.59 2.25 -34.83
N GLY A 137 -32.09 1.13 -35.36
CA GLY A 137 -32.02 0.92 -36.79
C GLY A 137 -30.65 0.67 -37.37
N ALA A 138 -29.57 0.74 -36.59
CA ALA A 138 -28.24 0.49 -37.14
C ALA A 138 -28.04 -1.00 -37.40
N ARG A 139 -28.43 -1.46 -38.60
CA ARG A 139 -28.30 -2.87 -38.94
C ARG A 139 -26.92 -3.25 -39.45
N PHE A 140 -26.09 -2.28 -39.81
CA PHE A 140 -24.78 -2.56 -40.37
C PHE A 140 -23.73 -1.66 -39.71
N HIS A 141 -22.47 -2.08 -39.83
CA HIS A 141 -21.39 -1.42 -39.13
C HIS A 141 -20.10 -1.52 -39.92
N ILE A 142 -19.18 -0.60 -39.61
CA ILE A 142 -17.77 -0.73 -39.98
C ILE A 142 -16.95 -0.26 -38.77
N ARG A 143 -16.04 -1.11 -38.32
CA ARG A 143 -15.16 -0.78 -37.20
C ARG A 143 -13.72 -0.83 -37.72
N SER A 144 -13.01 0.28 -37.55
CA SER A 144 -11.65 0.39 -38.10
C SER A 144 -10.75 1.06 -37.07
N ASP A 145 -9.50 1.27 -37.47
CA ASP A 145 -8.49 1.92 -36.64
C ASP A 145 -7.71 2.91 -37.49
N ILE A 146 -7.26 3.98 -36.86
CA ILE A 146 -6.36 4.95 -37.49
C ILE A 146 -4.93 4.50 -37.24
N PRO A 147 -4.23 3.94 -38.23
CA PRO A 147 -2.91 3.35 -37.97
C PRO A 147 -1.86 4.41 -37.68
N ALA A 148 -0.97 4.09 -36.74
CA ALA A 148 0.18 4.94 -36.40
C ALA A 148 -0.27 6.35 -36.04
N PHE A 149 -1.33 6.45 -35.23
CA PHE A 149 -1.98 7.73 -35.00
C PHE A 149 -1.07 8.69 -34.24
N PHE A 150 -0.45 8.23 -33.15
CA PHE A 150 0.32 9.14 -32.32
C PHE A 150 1.65 9.51 -32.94
N THR A 151 2.21 8.65 -33.80
CA THR A 151 3.46 9.00 -34.47
C THR A 151 3.22 9.87 -35.70
N LYS A 152 2.09 9.71 -36.38
CA LYS A 152 1.77 10.52 -37.54
C LYS A 152 1.04 11.81 -37.18
N ILE A 153 0.69 11.99 -35.90
CA ILE A 153 0.07 13.23 -35.48
C ILE A 153 1.04 14.38 -35.68
N ASN A 154 0.52 15.53 -36.11
CA ASN A 154 1.36 16.69 -36.38
C ASN A 154 1.46 17.54 -35.12
N LYS A 155 2.68 17.68 -34.59
CA LYS A 155 2.89 18.45 -33.38
C LYS A 155 2.44 19.89 -33.54
N ASP A 156 2.72 20.49 -34.71
CA ASP A 156 2.40 21.89 -34.90
C ASP A 156 0.90 22.13 -35.07
N ARG A 157 0.17 21.17 -35.64
CA ARG A 157 -1.27 21.32 -35.74
C ARG A 157 -1.94 21.26 -34.38
N VAL A 158 -1.40 20.47 -33.45
CA VAL A 158 -1.95 20.40 -32.10
C VAL A 158 -1.79 21.74 -31.40
N LEU A 159 -0.57 22.30 -31.43
CA LEU A 159 -0.33 23.61 -30.84
C LEU A 159 -1.17 24.68 -31.52
N GLU A 160 -1.35 24.56 -32.84
CA GLU A 160 -2.16 25.53 -33.56
C GLU A 160 -3.60 25.53 -33.07
N LEU A 161 -4.13 24.35 -32.76
CA LEU A 161 -5.50 24.24 -32.26
C LEU A 161 -5.63 24.61 -30.80
N LEU A 162 -4.53 24.58 -30.04
CA LEU A 162 -4.56 24.89 -28.61
C LEU A 162 -4.17 26.33 -28.30
N ARG A 163 -3.30 26.92 -29.09
CA ARG A 163 -2.71 28.22 -28.75
C ARG A 163 -3.73 29.32 -28.45
N PRO A 164 -4.83 29.50 -29.22
CA PRO A 164 -5.76 30.58 -28.87
C PRO A 164 -6.54 30.33 -27.60
N HIS A 165 -6.76 29.08 -27.23
CA HIS A 165 -7.59 28.75 -26.07
C HIS A 165 -6.81 28.73 -24.75
N LEU A 166 -5.49 28.80 -24.80
CA LEU A 166 -4.66 28.74 -23.61
C LEU A 166 -4.15 30.12 -23.18
N ASN A 167 -3.56 30.87 -24.10
CA ASN A 167 -2.96 32.18 -23.80
C ASN A 167 -1.92 32.07 -22.69
N CYS A 168 -1.17 30.98 -22.69
CA CYS A 168 -0.11 30.76 -21.69
C CYS A 168 0.97 29.91 -22.36
N GLU A 169 2.06 30.56 -22.75
CA GLU A 169 3.14 29.84 -23.43
C GLU A 169 3.78 28.80 -22.53
N ALA A 170 3.85 29.06 -21.23
CA ALA A 170 4.44 28.10 -20.31
C ALA A 170 3.67 26.78 -20.33
N THR A 171 2.35 26.83 -20.21
CA THR A 171 1.54 25.62 -20.33
C THR A 171 1.64 25.03 -21.73
N LEU A 172 1.73 25.88 -22.75
CA LEU A 172 1.80 25.40 -24.12
C LEU A 172 3.10 24.64 -24.39
N LYS A 173 4.22 25.19 -23.93
CA LYS A 173 5.49 24.47 -24.11
C LYS A 173 5.54 23.19 -23.29
N LEU A 174 4.88 23.16 -22.14
CA LEU A 174 4.82 21.93 -21.36
C LEU A 174 4.01 20.86 -22.07
N PHE A 175 2.92 21.26 -22.72
CA PHE A 175 2.14 20.32 -23.52
C PHE A 175 2.99 19.76 -24.66
N GLU A 176 3.78 20.62 -25.31
CA GLU A 176 4.61 20.16 -26.42
C GLU A 176 5.68 19.18 -25.96
N GLU A 177 6.27 19.43 -24.79
CA GLU A 177 7.28 18.50 -24.28
C GLU A 177 6.66 17.19 -23.81
N ALA A 178 5.40 17.21 -23.39
CA ALA A 178 4.72 15.96 -23.07
C ALA A 178 4.52 15.11 -24.33
N ILE A 179 4.27 15.77 -25.46
CA ILE A 179 4.11 15.06 -26.72
C ILE A 179 5.46 14.53 -27.19
N ARG A 180 6.49 15.38 -27.14
CA ARG A 180 7.80 14.99 -27.68
C ARG A 180 8.45 13.88 -26.88
N THR A 181 8.17 13.81 -25.57
CA THR A 181 8.83 12.84 -24.71
C THR A 181 8.05 11.55 -24.52
N ASP A 182 6.73 11.56 -24.73
CA ASP A 182 5.94 10.37 -24.44
C ASP A 182 4.91 10.07 -25.53
N LEU A 183 3.98 11.00 -25.76
CA LEU A 183 2.84 10.71 -26.61
C LEU A 183 3.25 10.37 -28.05
N ALA A 184 4.19 11.13 -28.61
CA ALA A 184 4.63 10.87 -29.98
C ALA A 184 5.39 9.57 -30.11
N ASN A 185 5.77 8.93 -29.01
CA ASN A 185 6.49 7.67 -29.03
C ASN A 185 5.57 6.47 -28.85
N ILE A 186 4.26 6.69 -28.82
CA ILE A 186 3.29 5.60 -28.68
C ILE A 186 3.09 4.94 -30.04
N ASP A 187 3.88 3.91 -30.32
CA ASP A 187 3.83 3.21 -31.60
C ASP A 187 3.17 1.85 -31.43
N ASP A 188 3.04 1.12 -32.54
CA ASP A 188 2.33 -0.15 -32.53
C ASP A 188 3.02 -1.18 -31.64
N LEU A 189 4.35 -1.11 -31.54
CA LEU A 189 5.07 -2.03 -30.67
C LEU A 189 4.77 -1.75 -29.20
N ARG A 190 4.62 -0.48 -28.84
CA ARG A 190 4.34 -0.12 -27.45
C ARG A 190 2.89 -0.37 -27.08
N ARG A 191 1.96 -0.24 -28.04
CA ARG A 191 0.56 -0.51 -27.74
C ARG A 191 0.32 -1.99 -27.48
N LYS A 192 1.04 -2.86 -28.19
CA LYS A 192 0.91 -4.30 -27.93
C LYS A 192 1.40 -4.65 -26.54
N GLY A 193 2.30 -3.86 -25.97
CA GLY A 193 2.69 -4.05 -24.59
C GLY A 193 1.60 -3.62 -23.61
N LEU A 194 0.76 -2.66 -24.01
CA LEU A 194 -0.32 -2.21 -23.15
C LEU A 194 -1.44 -3.25 -23.09
N ASP A 195 -1.66 -4.01 -24.17
CA ASP A 195 -2.69 -5.04 -24.15
C ASP A 195 -2.36 -6.15 -23.17
N GLU A 196 -1.06 -6.48 -23.03
CA GLU A 196 -0.62 -7.49 -22.10
C GLU A 196 -0.82 -7.09 -20.65
N ILE A 197 -1.19 -5.84 -20.38
CA ILE A 197 -1.24 -5.31 -19.03
C ILE A 197 -2.68 -5.06 -18.57
N PHE A 198 -3.54 -4.60 -19.47
CA PHE A 198 -4.89 -4.22 -19.05
C PHE A 198 -5.94 -5.16 -19.64
N PRO A 199 -7.04 -5.41 -18.92
CA PRO A 199 -8.08 -6.29 -19.46
C PRO A 199 -8.67 -5.79 -20.77
N ILE A 200 -9.02 -4.51 -20.84
CA ILE A 200 -9.38 -3.86 -22.09
C ILE A 200 -8.16 -3.08 -22.56
N GLY A 201 -7.48 -3.61 -23.59
CA GLY A 201 -6.16 -3.12 -23.95
C GLY A 201 -6.13 -1.63 -24.27
N ILE A 202 -7.19 -1.12 -24.91
CA ILE A 202 -7.19 0.27 -25.31
C ILE A 202 -7.27 1.21 -24.10
N GLU A 203 -7.78 0.73 -22.97
CA GLU A 203 -7.75 1.54 -21.76
C GLU A 203 -6.33 1.75 -21.26
N GLY A 204 -5.38 0.92 -21.67
CA GLY A 204 -4.00 1.10 -21.24
C GLY A 204 -3.37 2.36 -21.80
N VAL A 205 -3.75 2.75 -23.03
CA VAL A 205 -3.22 3.99 -23.61
C VAL A 205 -3.59 5.19 -22.76
N ALA A 206 -4.86 5.25 -22.33
CA ALA A 206 -5.31 6.36 -21.49
C ALA A 206 -4.66 6.32 -20.12
N GLN A 207 -4.36 5.13 -19.59
CA GLN A 207 -3.73 5.04 -18.28
C GLN A 207 -2.23 5.29 -18.36
N GLY A 208 -1.58 4.80 -19.41
CA GLY A 208 -0.14 5.02 -19.55
C GLY A 208 0.20 6.44 -19.96
N SER A 209 -0.65 7.07 -20.77
CA SER A 209 -0.45 8.45 -21.22
C SER A 209 -1.76 9.19 -21.01
N PRO A 210 -1.94 9.81 -19.84
CA PRO A 210 -3.24 10.44 -19.54
C PRO A 210 -3.69 11.48 -20.55
N LEU A 211 -2.75 12.17 -21.21
CA LEU A 211 -3.12 13.19 -22.18
C LEU A 211 -3.57 12.62 -23.52
N SER A 212 -3.45 11.31 -23.73
CA SER A 212 -3.75 10.75 -25.05
C SER A 212 -5.21 10.90 -25.46
N PRO A 213 -6.22 10.74 -24.58
CA PRO A 213 -7.60 11.02 -25.04
C PRO A 213 -7.82 12.47 -25.42
N LEU A 214 -7.31 13.41 -24.63
CA LEU A 214 -7.46 14.82 -24.97
C LEU A 214 -6.73 15.16 -26.26
N LEU A 215 -5.52 14.63 -26.44
CA LEU A 215 -4.78 14.87 -27.68
C LEU A 215 -5.54 14.33 -28.89
N ALA A 216 -6.15 13.16 -28.76
CA ALA A 216 -6.91 12.59 -29.86
C ALA A 216 -8.19 13.37 -30.12
N ASN A 217 -8.88 13.79 -29.06
CA ASN A 217 -10.11 14.55 -29.23
C ASN A 217 -9.86 15.90 -29.88
N ILE A 218 -8.76 16.55 -29.51
CA ILE A 218 -8.40 17.83 -30.13
C ILE A 218 -8.07 17.65 -31.60
N TYR A 219 -7.37 16.56 -31.93
CA TYR A 219 -6.94 16.34 -33.30
C TYR A 219 -8.08 15.87 -34.19
N LEU A 220 -9.00 15.07 -33.67
CA LEU A 220 -10.08 14.49 -34.45
C LEU A 220 -11.42 15.17 -34.19
N ALA A 221 -11.42 16.40 -33.69
CA ALA A 221 -12.67 17.11 -33.43
C ALA A 221 -13.44 17.35 -34.73
N ASP A 222 -12.73 17.77 -35.79
CA ASP A 222 -13.37 17.92 -37.09
C ASP A 222 -13.88 16.59 -37.61
N PHE A 223 -13.10 15.52 -37.40
CA PHE A 223 -13.52 14.19 -37.84
C PHE A 223 -14.80 13.75 -37.12
N ASP A 224 -14.90 14.02 -35.82
CA ASP A 224 -16.09 13.64 -35.07
C ASP A 224 -17.33 14.38 -35.57
N LEU A 225 -17.18 15.66 -35.89
CA LEU A 225 -18.34 16.45 -36.32
C LEU A 225 -18.79 16.02 -37.72
N ALA A 226 -17.85 15.73 -38.60
CA ALA A 226 -18.20 15.39 -39.99
C ALA A 226 -18.85 14.02 -40.09
N MET A 227 -18.38 13.06 -39.28
CA MET A 227 -18.86 11.69 -39.42
C MET A 227 -20.26 11.50 -38.84
N ASN A 228 -20.59 12.21 -37.76
CA ASN A 228 -21.91 12.07 -37.14
C ASN A 228 -22.90 12.96 -37.89
N SER A 229 -23.31 12.49 -39.06
CA SER A 229 -24.26 13.20 -39.91
C SER A 229 -24.81 12.21 -40.93
N ASN A 230 -25.88 12.62 -41.60
CA ASN A 230 -26.51 11.83 -42.66
C ASN A 230 -26.91 10.44 -42.16
N GLY A 231 -27.51 10.40 -40.97
CA GLY A 231 -27.94 9.13 -40.41
C GLY A 231 -26.85 8.17 -40.04
N ILE A 232 -25.60 8.63 -39.95
CA ILE A 232 -24.46 7.80 -39.62
C ILE A 232 -24.01 8.14 -38.21
N THR A 233 -24.02 7.14 -37.33
CA THR A 233 -23.48 7.30 -35.99
C THR A 233 -22.02 6.86 -35.98
N CYS A 234 -21.14 7.73 -35.48
CA CYS A 234 -19.72 7.44 -35.39
C CYS A 234 -19.31 7.48 -33.93
N LEU A 235 -18.94 6.32 -33.39
CA LEU A 235 -18.45 6.21 -32.02
C LEU A 235 -16.95 5.99 -32.06
N ARG A 236 -16.20 6.85 -31.38
CA ARG A 236 -14.75 6.81 -31.42
C ARG A 236 -14.19 6.77 -30.01
N TYR A 237 -13.24 5.86 -29.79
CA TYR A 237 -12.48 5.79 -28.54
C TYR A 237 -11.00 5.97 -28.92
N ILE A 238 -10.47 7.16 -28.66
CA ILE A 238 -9.12 7.55 -29.06
C ILE A 238 -8.98 7.38 -30.57
N ASP A 239 -8.32 6.32 -31.02
CA ASP A 239 -8.08 6.09 -32.44
C ASP A 239 -8.84 4.89 -32.99
N ASP A 240 -9.71 4.28 -32.18
CA ASP A 240 -10.60 3.22 -32.65
C ASP A 240 -12.00 3.82 -32.81
N PHE A 241 -12.61 3.61 -33.97
CA PHE A 241 -13.91 4.20 -34.24
C PHE A 241 -14.84 3.18 -34.89
N LEU A 242 -16.14 3.38 -34.68
CA LEU A 242 -17.18 2.48 -35.16
C LEU A 242 -18.24 3.30 -35.89
N LEU A 243 -18.55 2.89 -37.12
CA LEU A 243 -19.58 3.53 -37.92
C LEU A 243 -20.83 2.65 -37.93
N LEU A 244 -21.98 3.27 -37.71
CA LEU A 244 -23.25 2.55 -37.62
C LEU A 244 -24.26 3.20 -38.53
N GLY A 245 -24.96 2.37 -39.33
CA GLY A 245 -25.91 2.89 -40.30
C GLY A 245 -26.97 1.85 -40.61
N ALA A 246 -27.99 2.31 -41.35
CA ALA A 246 -29.14 1.47 -41.67
C ALA A 246 -28.80 0.40 -42.71
N SER A 247 -27.93 0.71 -43.67
CA SER A 247 -27.61 -0.21 -44.74
C SER A 247 -26.10 -0.32 -44.90
N LEU A 248 -25.68 -1.42 -45.55
CA LEU A 248 -24.27 -1.59 -45.87
C LEU A 248 -23.78 -0.50 -46.83
N SER A 249 -24.67 0.03 -47.66
CA SER A 249 -24.31 1.12 -48.55
C SER A 249 -24.04 2.40 -47.76
N ASP A 250 -24.78 2.62 -46.69
CA ASP A 250 -24.59 3.84 -45.89
C ASP A 250 -23.25 3.84 -45.19
N VAL A 251 -22.86 2.72 -44.58
CA VAL A 251 -21.60 2.68 -43.86
C VAL A 251 -20.42 2.64 -44.82
N ASP A 252 -20.60 2.09 -46.02
CA ASP A 252 -19.55 2.17 -47.03
C ASP A 252 -19.36 3.62 -47.50
N LYS A 253 -20.46 4.33 -47.72
CA LYS A 253 -20.37 5.77 -48.02
C LYS A 253 -19.70 6.51 -46.87
N ALA A 254 -20.02 6.13 -45.63
CA ALA A 254 -19.44 6.81 -44.47
C ALA A 254 -17.95 6.55 -44.34
N PHE A 255 -17.53 5.30 -44.60
CA PHE A 255 -16.11 4.98 -44.47
C PHE A 255 -15.28 5.77 -45.47
N ASN A 256 -15.77 5.91 -46.71
CA ASN A 256 -15.07 6.74 -47.67
C ASN A 256 -15.09 8.21 -47.26
N ARG A 257 -16.17 8.65 -46.61
CA ARG A 257 -16.19 10.01 -46.06
C ARG A 257 -15.18 10.15 -44.93
N ALA A 258 -14.92 9.07 -44.18
CA ALA A 258 -13.95 9.13 -43.10
C ALA A 258 -12.53 9.18 -43.64
N LEU A 259 -12.26 8.45 -44.73
CA LEU A 259 -10.94 8.49 -45.35
C LEU A 259 -10.62 9.90 -45.86
N LYS A 260 -11.59 10.55 -46.49
CA LYS A 260 -11.37 11.91 -46.98
C LYS A 260 -11.11 12.87 -45.83
N GLU A 261 -11.83 12.71 -44.71
CA GLU A 261 -11.59 13.57 -43.55
C GLU A 261 -10.24 13.26 -42.91
N LEU A 262 -9.89 11.98 -42.79
CA LEU A 262 -8.59 11.63 -42.23
C LEU A 262 -7.45 12.03 -43.15
N GLY A 263 -7.68 12.02 -44.48
CA GLY A 263 -6.66 12.46 -45.40
C GLY A 263 -6.40 13.95 -45.33
N LYS A 264 -7.40 14.72 -44.87
CA LYS A 264 -7.20 16.15 -44.69
C LYS A 264 -6.09 16.46 -43.69
N ILE A 265 -5.90 15.57 -42.72
CA ILE A 265 -4.91 15.79 -41.67
C ILE A 265 -3.85 14.70 -41.73
N GLY A 266 -3.61 14.17 -42.92
CA GLY A 266 -2.56 13.19 -43.13
C GLY A 266 -2.73 11.90 -42.33
N LEU A 267 -3.95 11.39 -42.26
CA LEU A 267 -4.23 10.14 -41.58
C LEU A 267 -5.04 9.24 -42.50
N GLU A 268 -5.31 8.02 -42.03
CA GLU A 268 -6.10 7.06 -42.78
C GLU A 268 -6.76 6.10 -41.80
N ALA A 269 -7.47 5.12 -42.37
CA ALA A 269 -8.10 4.07 -41.59
C ALA A 269 -8.02 2.77 -42.37
N TYR A 270 -7.93 1.66 -41.64
CA TYR A 270 -7.86 0.35 -42.28
C TYR A 270 -9.16 0.06 -43.03
N ASP A 271 -9.02 -0.29 -44.31
CA ASP A 271 -10.17 -0.68 -45.10
C ASP A 271 -10.54 -2.12 -44.79
N PRO A 272 -11.76 -2.39 -44.29
CA PRO A 272 -12.14 -3.79 -44.03
C PRO A 272 -12.22 -4.62 -45.30
N ARG A 273 -12.38 -4.00 -46.47
CA ARG A 273 -12.46 -4.76 -47.71
C ARG A 273 -11.09 -5.25 -48.18
N THR A 274 -10.01 -4.56 -47.77
CA THR A 274 -8.66 -4.98 -48.12
C THR A 274 -7.85 -5.49 -46.94
N ASP A 275 -8.25 -5.17 -45.70
CA ASP A 275 -7.55 -5.62 -44.49
C ASP A 275 -8.58 -6.30 -43.60
N LYS A 276 -8.87 -7.56 -43.89
CA LYS A 276 -9.92 -8.28 -43.16
C LYS A 276 -9.64 -8.34 -41.67
N THR A 277 -8.36 -8.47 -41.29
CA THR A 277 -7.99 -8.63 -39.89
C THR A 277 -7.81 -7.31 -39.15
N LYS A 278 -7.75 -6.18 -39.85
CA LYS A 278 -7.56 -4.89 -39.22
C LYS A 278 -8.84 -4.09 -39.06
N ALA A 279 -9.94 -4.54 -39.68
CA ALA A 279 -11.21 -3.83 -39.59
C ALA A 279 -12.34 -4.79 -39.93
N SER A 280 -13.52 -4.51 -39.38
CA SER A 280 -14.68 -5.35 -39.58
C SER A 280 -15.76 -4.60 -40.34
N ARG A 281 -16.69 -5.36 -40.91
CA ARG A 281 -17.73 -4.83 -41.76
C ARG A 281 -18.79 -5.90 -41.95
N GLY A 282 -20.05 -5.52 -41.77
CA GLY A 282 -21.14 -6.44 -41.97
C GLY A 282 -22.31 -6.12 -41.04
N ALA A 283 -23.21 -7.08 -40.94
CA ALA A 283 -24.42 -6.90 -40.15
C ALA A 283 -24.12 -6.89 -38.66
N THR A 284 -24.86 -6.06 -37.93
CA THR A 284 -24.70 -5.98 -36.48
C THR A 284 -25.40 -7.11 -35.74
N GLU A 285 -26.35 -7.79 -36.40
CA GLU A 285 -27.08 -8.86 -35.73
C GLU A 285 -26.21 -10.07 -35.47
N ILE A 286 -25.23 -10.35 -36.34
CA ILE A 286 -24.34 -11.50 -36.15
C ILE A 286 -23.23 -11.22 -35.17
N GLY A 287 -23.15 -10.01 -34.62
CA GLY A 287 -22.12 -9.68 -33.66
C GLY A 287 -20.89 -9.08 -34.29
N PHE A 288 -20.17 -8.29 -33.50
CA PHE A 288 -18.91 -7.71 -33.93
C PHE A 288 -18.10 -7.30 -32.71
N ASP A 289 -16.79 -7.28 -32.86
CA ASP A 289 -15.88 -6.91 -31.78
C ASP A 289 -15.70 -5.40 -31.73
N PHE A 290 -15.83 -4.83 -30.54
CA PHE A 290 -15.64 -3.39 -30.35
C PHE A 290 -15.09 -3.16 -28.95
N LEU A 291 -13.91 -2.55 -28.87
CA LEU A 291 -13.29 -2.17 -27.61
C LEU A 291 -13.12 -3.38 -26.68
N GLY A 292 -12.60 -4.48 -27.25
CA GLY A 292 -12.35 -5.68 -26.49
C GLY A 292 -13.58 -6.50 -26.17
N CYS A 293 -14.76 -6.09 -26.62
CA CYS A 293 -16.00 -6.81 -26.34
C CYS A 293 -16.69 -7.20 -27.64
N ASN A 294 -17.42 -8.31 -27.59
CA ASN A 294 -18.28 -8.73 -28.69
C ASN A 294 -19.66 -8.13 -28.48
N VAL A 295 -20.14 -7.38 -29.47
CA VAL A 295 -21.40 -6.66 -29.37
C VAL A 295 -22.39 -7.29 -30.34
N SER A 296 -23.52 -7.75 -29.81
CA SER A 296 -24.59 -8.35 -30.59
C SER A 296 -25.92 -7.76 -30.12
N PRO A 297 -27.04 -7.99 -30.85
CA PRO A 297 -28.32 -7.39 -30.47
C PRO A 297 -28.64 -7.39 -28.98
N GLY A 298 -28.45 -8.53 -28.31
CA GLY A 298 -28.79 -8.61 -26.91
C GLY A 298 -27.69 -9.12 -26.01
N LEU A 299 -26.56 -9.52 -26.57
CA LEU A 299 -25.49 -10.16 -25.82
C LEU A 299 -24.23 -9.30 -25.92
N ILE A 300 -23.76 -8.81 -24.77
CA ILE A 300 -22.50 -8.10 -24.65
C ILE A 300 -21.58 -8.93 -23.77
N GLN A 301 -20.41 -9.28 -24.29
CA GLN A 301 -19.48 -10.16 -23.59
C GLN A 301 -18.07 -9.80 -24.01
N PRO A 302 -17.06 -10.24 -23.27
CA PRO A 302 -15.68 -10.06 -23.72
C PRO A 302 -15.47 -10.76 -25.06
N SER A 303 -14.69 -10.12 -25.93
CA SER A 303 -14.41 -10.69 -27.23
C SER A 303 -13.60 -11.98 -27.09
N GLU A 304 -13.52 -12.73 -28.19
CA GLU A 304 -12.76 -13.97 -28.17
C GLU A 304 -11.28 -13.72 -27.94
N ALA A 305 -10.74 -12.64 -28.51
CA ALA A 305 -9.34 -12.31 -28.29
C ALA A 305 -9.11 -11.85 -26.85
N THR A 306 -10.08 -11.14 -26.28
CA THR A 306 -9.98 -10.74 -24.87
C THR A 306 -10.03 -11.95 -23.95
N ARG A 307 -10.92 -12.89 -24.23
CA ARG A 307 -10.98 -14.11 -23.42
C ARG A 307 -9.75 -14.98 -23.64
N ARG A 308 -9.23 -15.01 -24.87
CA ARG A 308 -8.01 -15.78 -25.12
C ARG A 308 -6.81 -15.17 -24.40
N ARG A 309 -6.73 -13.84 -24.38
CA ARG A 309 -5.62 -13.20 -23.66
C ARG A 309 -5.75 -13.42 -22.16
N PHE A 310 -6.97 -13.52 -21.64
CA PHE A 310 -7.16 -13.75 -20.21
C PHE A 310 -6.79 -15.18 -19.84
N ARG A 311 -7.18 -16.16 -20.67
CA ARG A 311 -6.80 -17.55 -20.39
C ARG A 311 -5.30 -17.73 -20.47
N ALA A 312 -4.61 -16.98 -21.34
CA ALA A 312 -3.16 -17.09 -21.42
C ALA A 312 -2.50 -16.51 -20.18
N LYS A 313 -3.07 -15.45 -19.60
CA LYS A 313 -2.53 -14.90 -18.36
C LYS A 313 -2.72 -15.87 -17.20
N LEU A 314 -3.91 -16.48 -17.10
CA LEU A 314 -4.12 -17.50 -16.07
C LEU A 314 -3.19 -18.68 -16.27
N ASP A 315 -2.99 -19.10 -17.53
CA ASP A 315 -2.03 -20.16 -17.81
C ASP A 315 -0.64 -19.80 -17.28
N ALA A 316 -0.24 -18.54 -17.44
CA ALA A 316 1.09 -18.12 -16.99
C ALA A 316 1.21 -18.22 -15.47
N GLU A 317 0.18 -17.78 -14.74
CA GLU A 317 0.24 -17.84 -13.28
C GLU A 317 0.28 -19.28 -12.78
N PHE A 318 -0.51 -20.17 -13.41
CA PHE A 318 -0.51 -21.57 -12.98
C PHE A 318 0.79 -22.27 -13.36
N VAL A 319 1.42 -21.88 -14.46
CA VAL A 319 2.74 -22.40 -14.78
C VAL A 319 3.76 -21.96 -13.73
N ALA A 320 3.71 -20.67 -13.34
CA ALA A 320 4.58 -20.19 -12.28
C ALA A 320 4.26 -20.88 -10.95
N ALA A 321 2.98 -21.09 -10.66
CA ALA A 321 2.60 -21.81 -9.46
C ALA A 321 3.06 -23.27 -9.51
N SER A 322 2.94 -23.90 -10.68
CA SER A 322 3.36 -25.29 -10.82
C SER A 322 4.87 -25.43 -10.64
N HIS A 323 5.64 -24.55 -11.28
CA HIS A 323 7.09 -24.62 -11.16
C HIS A 323 7.55 -24.34 -9.72
N ALA A 324 6.85 -23.44 -9.03
CA ALA A 324 7.22 -23.12 -7.66
C ALA A 324 7.03 -24.30 -6.73
N LEU A 325 6.01 -25.13 -6.97
CA LEU A 325 5.84 -26.35 -6.19
C LEU A 325 7.07 -27.24 -6.31
N ARG A 326 7.60 -27.39 -7.52
CA ARG A 326 8.79 -28.20 -7.71
C ARG A 326 10.03 -27.52 -7.12
N TYR A 327 10.11 -26.19 -7.23
CA TYR A 327 11.28 -25.49 -6.71
C TYR A 327 11.30 -25.49 -5.18
N ASN A 328 10.19 -25.07 -4.56
CA ASN A 328 10.14 -25.00 -3.11
C ASN A 328 10.32 -26.35 -2.45
N ALA A 329 10.04 -27.44 -3.17
CA ALA A 329 10.24 -28.78 -2.64
C ALA A 329 11.70 -29.22 -2.71
N GLN A 330 12.49 -28.62 -3.59
CA GLN A 330 13.89 -28.98 -3.73
C GLN A 330 14.86 -27.97 -3.14
N TYR A 331 14.49 -26.69 -3.11
CA TYR A 331 15.42 -25.63 -2.72
C TYR A 331 14.83 -24.80 -1.58
N GLN A 332 15.72 -24.17 -0.82
CA GLN A 332 15.35 -23.44 0.39
C GLN A 332 15.38 -21.93 0.20
N ASP A 333 15.64 -21.45 -1.01
CA ASP A 333 15.64 -20.02 -1.30
C ASP A 333 14.43 -19.62 -2.13
N GLY A 334 13.28 -20.25 -1.88
CA GLY A 334 12.11 -20.00 -2.70
C GLY A 334 11.64 -18.56 -2.62
N ASP A 335 11.10 -18.06 -3.73
CA ASP A 335 10.65 -16.68 -3.78
C ASP A 335 9.52 -16.43 -2.79
N GLY A 336 8.56 -17.35 -2.69
CA GLY A 336 7.42 -17.17 -1.82
C GLY A 336 6.30 -16.46 -2.53
N LYS A 337 6.66 -15.64 -3.51
CA LYS A 337 5.66 -14.94 -4.32
C LYS A 337 4.73 -15.91 -5.04
N TYR A 338 5.26 -17.04 -5.50
CA TYR A 338 4.48 -18.04 -6.23
C TYR A 338 4.27 -19.32 -5.43
N SER A 339 4.43 -19.27 -4.12
CA SER A 339 4.07 -20.40 -3.28
C SER A 339 2.58 -20.69 -3.41
N TYR A 340 2.17 -21.86 -2.91
CA TYR A 340 0.80 -22.32 -3.15
C TYR A 340 -0.22 -21.33 -2.61
N SER A 341 -0.02 -20.82 -1.40
CA SER A 341 -0.96 -19.86 -0.85
C SER A 341 -0.88 -18.52 -1.56
N SER A 342 0.33 -18.04 -1.83
CA SER A 342 0.48 -16.76 -2.51
C SER A 342 -0.01 -16.83 -3.95
N ALA A 343 0.18 -17.96 -4.63
CA ALA A 343 -0.28 -18.08 -6.00
C ALA A 343 -1.80 -18.07 -6.09
N LEU A 344 -2.46 -18.86 -5.25
CA LEU A 344 -3.92 -18.83 -5.19
C LEU A 344 -4.43 -17.46 -4.79
N TYR A 345 -3.65 -16.72 -4.00
CA TYR A 345 -4.07 -15.40 -3.57
C TYR A 345 -4.04 -14.41 -4.73
N ARG A 346 -2.92 -14.35 -5.45
CA ARG A 346 -2.80 -13.40 -6.55
C ARG A 346 -3.72 -13.75 -7.71
N ILE A 347 -3.86 -15.06 -8.00
CA ILE A 347 -4.78 -15.48 -9.06
C ILE A 347 -6.20 -15.05 -8.71
N ASP A 348 -6.59 -15.19 -7.44
CA ASP A 348 -7.89 -14.71 -7.00
C ASP A 348 -8.07 -13.23 -7.32
N LYS A 349 -7.06 -12.42 -7.03
CA LYS A 349 -7.16 -10.98 -7.31
C LYS A 349 -7.11 -10.69 -8.80
N ILE A 350 -6.34 -11.48 -9.57
CA ILE A 350 -6.35 -11.34 -11.02
C ILE A 350 -7.76 -11.60 -11.56
N ILE A 351 -8.44 -12.61 -11.03
CA ILE A 351 -9.81 -12.88 -11.45
C ILE A 351 -10.74 -11.75 -11.04
N LEU A 352 -10.51 -11.18 -9.85
CA LEU A 352 -11.33 -10.06 -9.40
C LEU A 352 -11.17 -8.85 -10.31
N GLY A 353 -9.93 -8.51 -10.65
CA GLY A 353 -9.70 -7.33 -11.47
C GLY A 353 -10.21 -7.49 -12.89
N TRP A 354 -10.07 -8.68 -13.45
CA TRP A 354 -10.54 -8.91 -14.81
C TRP A 354 -12.06 -8.94 -14.88
N GLY A 355 -12.70 -9.60 -13.92
CA GLY A 355 -14.15 -9.66 -13.90
C GLY A 355 -14.79 -8.31 -13.65
N LYS A 356 -14.20 -7.52 -12.75
CA LYS A 356 -14.73 -6.19 -12.45
C LYS A 356 -14.70 -5.27 -13.67
N ALA A 357 -13.82 -5.54 -14.63
CA ALA A 357 -13.73 -4.70 -15.82
C ALA A 357 -14.84 -4.98 -16.83
N PHE A 358 -15.54 -6.11 -16.72
CA PHE A 358 -16.59 -6.47 -17.66
C PHE A 358 -17.94 -6.60 -16.95
N THR A 359 -18.13 -5.87 -15.85
CA THR A 359 -19.40 -5.90 -15.13
C THR A 359 -20.54 -5.31 -15.95
N PHE A 360 -20.25 -4.57 -17.01
CA PHE A 360 -21.29 -4.06 -17.90
C PHE A 360 -21.74 -5.09 -18.92
N CYS A 361 -21.16 -6.28 -18.91
CA CYS A 361 -21.53 -7.34 -19.84
C CYS A 361 -22.63 -8.21 -19.25
N ASN A 362 -23.39 -8.86 -20.13
CA ASN A 362 -24.49 -9.73 -19.73
C ASN A 362 -24.33 -11.16 -20.25
N GLY A 363 -23.16 -11.50 -20.81
CA GLY A 363 -22.91 -12.84 -21.28
C GLY A 363 -22.43 -13.77 -20.19
N SER A 364 -23.33 -14.58 -19.64
CA SER A 364 -22.99 -15.45 -18.52
C SER A 364 -22.34 -16.75 -18.95
N GLN A 365 -22.57 -17.21 -20.18
CA GLN A 365 -22.03 -18.50 -20.59
C GLN A 365 -20.51 -18.48 -20.68
N CYS A 366 -19.93 -17.37 -21.14
CA CYS A 366 -18.48 -17.30 -21.24
C CYS A 366 -17.84 -17.12 -19.88
N MET A 367 -18.54 -16.49 -18.93
CA MET A 367 -18.03 -16.41 -17.57
C MET A 367 -18.07 -17.78 -16.90
N ILE A 368 -19.08 -18.59 -17.20
CA ILE A 368 -19.13 -19.94 -16.67
C ILE A 368 -18.07 -20.81 -17.33
N ALA A 369 -17.87 -20.64 -18.64
CA ALA A 369 -16.85 -21.41 -19.34
C ALA A 369 -15.46 -21.09 -18.80
N LEU A 370 -15.19 -19.81 -18.54
CA LEU A 370 -13.90 -19.45 -17.94
C LEU A 370 -13.78 -20.00 -16.53
N ASP A 371 -14.87 -19.97 -15.76
CA ASP A 371 -14.84 -20.55 -14.42
C ASP A 371 -14.50 -22.03 -14.46
N ASP A 372 -15.12 -22.77 -15.39
CA ASP A 372 -14.76 -24.19 -15.55
C ASP A 372 -13.31 -24.35 -15.95
N PHE A 373 -12.80 -23.46 -16.79
CA PHE A 373 -11.37 -23.46 -17.12
C PHE A 373 -10.53 -23.20 -15.88
N ILE A 374 -10.93 -22.22 -15.06
CA ILE A 374 -10.17 -21.90 -13.85
C ILE A 374 -10.22 -23.06 -12.87
N SER A 375 -11.42 -23.59 -12.61
CA SER A 375 -11.56 -24.73 -11.70
C SER A 375 -10.73 -25.93 -12.18
N ASN A 376 -10.57 -26.08 -13.50
CA ASN A 376 -9.82 -27.22 -14.01
C ASN A 376 -8.33 -27.04 -13.76
N LYS A 377 -7.78 -25.87 -14.09
CA LYS A 377 -6.36 -25.62 -13.81
C LYS A 377 -6.09 -25.67 -12.32
N LEU A 378 -7.03 -25.20 -11.50
CA LEU A 378 -6.87 -25.28 -10.05
C LEU A 378 -6.81 -26.72 -9.57
N ALA A 379 -7.59 -27.61 -10.21
CA ALA A 379 -7.57 -29.02 -9.84
C ALA A 379 -6.25 -29.68 -10.22
N GLN A 380 -5.68 -29.29 -11.37
CA GLN A 380 -4.37 -29.78 -11.75
C GLN A 380 -3.32 -29.39 -10.71
N LEU A 381 -3.34 -28.12 -10.30
CA LEU A 381 -2.36 -27.63 -9.34
C LEU A 381 -2.51 -28.32 -7.99
N GLU A 382 -3.74 -28.48 -7.52
CA GLU A 382 -3.98 -29.15 -6.25
C GLU A 382 -3.49 -30.60 -6.30
N ALA A 383 -3.67 -31.26 -7.43
CA ALA A 383 -3.22 -32.65 -7.56
C ALA A 383 -1.70 -32.73 -7.58
N GLU A 384 -1.04 -31.75 -8.23
CA GLU A 384 0.42 -31.76 -8.28
C GLU A 384 1.01 -31.48 -6.90
N LYS A 385 0.40 -30.58 -6.14
CA LYS A 385 0.87 -30.28 -4.78
C LYS A 385 0.74 -31.52 -3.89
N ILE A 386 -0.34 -32.28 -4.06
CA ILE A 386 -0.55 -33.48 -3.26
C ILE A 386 0.55 -34.50 -3.52
N ALA A 387 0.90 -34.71 -4.79
CA ALA A 387 1.94 -35.68 -5.12
C ALA A 387 3.31 -35.22 -4.63
N ILE A 388 3.56 -33.91 -4.63
CA ILE A 388 4.86 -33.40 -4.20
C ILE A 388 4.98 -33.44 -2.68
N LEU A 389 3.93 -33.03 -1.98
CA LEU A 389 3.94 -33.01 -0.52
C LEU A 389 3.80 -34.39 0.10
N ALA A 390 3.43 -35.39 -0.67
CA ALA A 390 3.37 -36.76 -0.15
C ALA A 390 4.77 -37.24 0.21
N ASN A 391 4.89 -37.82 1.41
CA ASN A 391 6.16 -38.31 1.94
C ASN A 391 7.22 -37.21 2.06
N SER A 392 6.78 -35.97 2.19
CA SER A 392 7.67 -34.86 2.48
C SER A 392 7.63 -34.53 3.97
N ASP A 393 8.63 -33.80 4.44
CA ASP A 393 8.72 -33.45 5.84
C ASP A 393 7.91 -32.19 6.13
N SER A 394 7.97 -31.70 7.36
CA SER A 394 7.21 -30.50 7.71
C SER A 394 7.83 -29.24 7.11
N THR A 395 9.16 -29.21 6.97
CA THR A 395 9.82 -28.01 6.46
C THR A 395 9.57 -27.83 4.97
N VAL A 396 9.40 -28.92 4.21
CA VAL A 396 9.10 -28.79 2.80
C VAL A 396 7.65 -28.31 2.62
N ARG A 397 6.71 -28.88 3.38
CA ARG A 397 5.33 -28.42 3.32
C ARG A 397 5.22 -26.94 3.63
N ARG A 398 6.08 -26.42 4.50
CA ARG A 398 6.03 -25.00 4.83
C ARG A 398 6.46 -24.14 3.66
N ARG A 399 7.56 -24.51 2.99
CA ARG A 399 8.01 -23.73 1.84
C ARG A 399 7.04 -23.87 0.67
N VAL A 400 6.49 -25.07 0.47
CA VAL A 400 5.61 -25.29 -0.67
C VAL A 400 4.27 -24.58 -0.46
N LEU A 401 3.72 -24.66 0.75
CA LEU A 401 2.42 -24.03 1.01
C LEU A 401 2.52 -22.51 1.17
N GLY A 402 3.69 -21.98 1.49
CA GLY A 402 3.84 -20.54 1.60
C GLY A 402 3.65 -19.99 2.99
N VAL A 403 4.17 -20.70 3.99
CA VAL A 403 4.12 -20.25 5.38
C VAL A 403 5.56 -20.27 5.89
N ARG A 404 6.16 -19.09 6.03
CA ARG A 404 7.56 -18.93 6.35
C ARG A 404 7.93 -19.66 7.65
N LEU A 405 9.22 -19.97 7.78
CA LEU A 405 9.77 -20.57 8.98
C LEU A 405 10.37 -19.47 9.86
N LEU A 406 10.04 -19.51 11.16
CA LEU A 406 10.61 -18.54 12.08
C LEU A 406 12.12 -18.70 12.22
N ILE A 407 12.63 -19.93 12.08
CA ILE A 407 14.06 -20.16 12.25
C ILE A 407 14.84 -19.59 11.07
N ASP A 408 14.22 -19.50 9.89
CA ASP A 408 14.89 -18.92 8.73
C ASP A 408 14.95 -17.40 8.83
N ILE A 409 13.98 -16.78 9.48
CA ILE A 409 14.03 -15.33 9.68
C ILE A 409 15.15 -14.96 10.65
N GLN A 410 15.28 -15.72 11.73
CA GLN A 410 16.29 -15.42 12.75
C GLN A 410 17.70 -15.64 12.22
N ASN A 411 17.89 -16.63 11.35
CA ASN A 411 19.22 -16.88 10.79
C ASN A 411 19.70 -15.72 9.93
N SER B 2 8.77 32.47 16.50
CA SER B 2 10.19 32.16 16.63
C SER B 2 10.64 31.20 15.54
N ARG B 3 11.95 31.16 15.27
CA ARG B 3 12.49 30.19 14.33
C ARG B 3 12.17 28.77 14.77
N LEU B 4 12.15 28.52 16.08
CA LEU B 4 11.84 27.19 16.59
C LEU B 4 10.42 26.78 16.25
N TYR B 5 9.46 27.69 16.41
CA TYR B 5 8.06 27.35 16.15
C TYR B 5 7.75 27.33 14.66
N LYS B 6 8.37 28.24 13.89
CA LYS B 6 8.22 28.20 12.44
C LYS B 6 8.77 26.92 11.86
N ASP B 7 9.81 26.35 12.48
CA ASP B 7 10.35 25.07 12.02
C ASP B 7 9.35 23.94 12.23
N ILE B 8 8.56 24.01 13.30
CA ILE B 8 7.56 22.98 13.55
C ILE B 8 6.39 23.12 12.58
N CYS B 9 6.04 24.36 12.20
CA CYS B 9 4.91 24.60 11.33
C CYS B 9 5.21 24.33 9.86
N SER B 10 6.49 24.28 9.47
CA SER B 10 6.83 24.08 8.07
C SER B 10 6.36 22.70 7.60
N LEU B 11 5.82 22.65 6.39
CA LEU B 11 5.35 21.38 5.84
C LEU B 11 6.49 20.39 5.63
N ARG B 12 7.73 20.87 5.54
CA ARG B 12 8.87 19.95 5.41
C ARG B 12 8.97 19.04 6.62
N THR B 13 8.93 19.61 7.83
CA THR B 13 9.04 18.79 9.03
C THR B 13 7.74 18.06 9.33
N LEU B 14 6.60 18.66 9.00
CA LEU B 14 5.32 17.99 9.21
C LEU B 14 5.19 16.77 8.31
N TYR B 15 5.41 16.94 7.01
CA TYR B 15 5.42 15.78 6.11
C TYR B 15 6.52 14.80 6.51
N GLY B 16 7.67 15.32 6.92
CA GLY B 16 8.73 14.44 7.40
C GLY B 16 8.33 13.65 8.62
N ALA B 17 7.47 14.21 9.47
CA ALA B 17 6.99 13.48 10.64
C ALA B 17 5.93 12.46 10.29
N TRP B 18 5.15 12.71 9.23
CA TRP B 18 4.07 11.78 8.88
C TRP B 18 4.63 10.43 8.46
N ARG B 19 5.80 10.40 7.82
CA ARG B 19 6.37 9.13 7.39
C ARG B 19 6.76 8.27 8.56
N LYS B 20 7.32 8.87 9.62
CA LYS B 20 7.65 8.11 10.82
C LYS B 20 6.40 7.58 11.50
N VAL B 21 5.33 8.37 11.53
CA VAL B 21 4.07 7.90 12.09
C VAL B 21 3.52 6.75 11.26
N ARG B 22 3.70 6.82 9.93
CA ARG B 22 3.24 5.75 9.05
C ARG B 22 3.98 4.45 9.32
N SER B 23 5.30 4.51 9.48
CA SER B 23 6.09 3.31 9.70
C SER B 23 5.74 2.67 11.04
N SER B 24 5.66 3.48 12.10
CA SER B 24 5.31 2.97 13.42
C SER B 24 3.97 2.26 13.41
N ALA B 25 3.04 2.69 12.55
CA ALA B 25 1.75 2.03 12.45
C ALA B 25 1.85 0.71 11.67
N PHE B 26 2.59 0.71 10.56
CA PHE B 26 2.73 -0.50 9.76
C PHE B 26 3.50 -1.59 10.51
N LEU B 27 4.37 -1.19 11.43
CA LEU B 27 5.08 -2.16 12.27
C LEU B 27 4.19 -2.81 13.31
N SER B 28 2.89 -2.50 13.32
CA SER B 28 1.93 -3.10 14.23
C SER B 28 1.05 -4.08 13.48
N SER B 29 0.51 -5.05 14.21
CA SER B 29 -0.29 -6.10 13.60
C SER B 29 -1.73 -5.64 13.32
N SER B 30 -2.22 -4.66 14.06
CA SER B 30 -3.61 -4.25 13.94
C SER B 30 -3.90 -3.67 12.56
N ASP B 31 -4.93 -4.20 11.89
CA ASP B 31 -5.31 -3.70 10.58
C ASP B 31 -5.99 -2.34 10.68
N GLU B 32 -6.68 -2.06 11.78
CA GLU B 32 -7.34 -0.76 11.95
C GLU B 32 -6.31 0.36 12.02
N ILE B 33 -5.17 0.11 12.66
CA ILE B 33 -4.13 1.13 12.74
C ILE B 33 -3.49 1.33 11.37
N ARG B 34 -3.35 0.27 10.58
CA ARG B 34 -2.77 0.41 9.25
C ARG B 34 -3.73 1.09 8.29
N ARG B 35 -5.03 0.90 8.46
CA ARG B 35 -6.00 1.55 7.58
C ARG B 35 -6.30 2.99 8.01
N GLU B 36 -6.08 3.31 9.29
CA GLU B 36 -6.26 4.70 9.73
C GLU B 36 -5.24 5.62 9.07
N ALA B 37 -4.01 5.14 8.91
CA ALA B 37 -3.00 5.92 8.20
C ALA B 37 -3.34 6.05 6.73
N GLU B 38 -4.07 5.08 6.16
CA GLU B 38 -4.38 5.12 4.73
C GLU B 38 -5.43 6.17 4.41
N GLU B 39 -6.39 6.41 5.30
CA GLU B 39 -7.41 7.42 5.03
C GLU B 39 -6.86 8.83 5.18
N PHE B 40 -6.04 9.08 6.21
CA PHE B 40 -5.31 10.34 6.30
C PHE B 40 -4.46 10.53 5.05
N GLU B 41 -3.86 9.44 4.55
CA GLU B 41 -3.07 9.51 3.32
C GLU B 41 -3.95 9.82 2.11
N SER B 42 -5.23 9.40 2.15
CA SER B 42 -6.12 9.65 1.02
C SER B 42 -6.39 11.13 0.81
N ARG B 43 -6.16 11.97 1.83
CA ARG B 43 -6.32 13.41 1.73
C ARG B 43 -4.99 14.13 1.95
N LEU B 44 -3.88 13.50 1.54
CA LEU B 44 -2.55 13.96 1.90
C LEU B 44 -2.30 15.45 1.71
N PRO B 45 -2.69 16.10 0.59
CA PRO B 45 -2.41 17.54 0.45
C PRO B 45 -3.10 18.37 1.53
N ASP B 46 -4.43 18.28 1.61
CA ASP B 46 -5.19 19.13 2.50
C ASP B 46 -5.16 18.66 3.95
N SER B 47 -4.82 17.40 4.21
CA SER B 47 -4.87 16.87 5.57
C SER B 47 -3.72 17.40 6.42
N LEU B 48 -2.53 17.55 5.83
CA LEU B 48 -1.40 18.12 6.56
C LEU B 48 -1.39 19.64 6.56
N ILE B 49 -1.98 20.27 5.53
CA ILE B 49 -2.08 21.72 5.51
C ILE B 49 -3.05 22.19 6.57
N GLU B 50 -4.08 21.40 6.87
CA GLU B 50 -4.99 21.74 7.97
C GLU B 50 -4.24 21.78 9.29
N ILE B 51 -3.30 20.87 9.49
CA ILE B 51 -2.48 20.89 10.71
C ILE B 51 -1.57 22.10 10.71
N GLN B 52 -0.90 22.35 9.59
CA GLN B 52 0.01 23.50 9.51
C GLN B 52 -0.72 24.80 9.72
N HIS B 53 -1.92 24.94 9.16
CA HIS B 53 -2.68 26.17 9.32
C HIS B 53 -3.09 26.40 10.76
N ALA B 54 -3.47 25.32 11.46
CA ALA B 54 -3.88 25.45 12.86
C ALA B 54 -2.71 25.77 13.77
N LEU B 55 -1.52 25.24 13.46
CA LEU B 55 -0.34 25.55 14.27
C LEU B 55 0.09 27.00 14.07
N SER B 56 -0.06 27.52 12.85
CA SER B 56 0.25 28.92 12.61
C SER B 56 -0.71 29.83 13.38
N LYS B 57 -1.98 29.44 13.48
CA LYS B 57 -2.95 30.15 14.29
C LYS B 57 -2.86 29.80 15.76
N GLN B 58 -1.96 28.88 16.13
CA GLN B 58 -1.79 28.43 17.52
C GLN B 58 -3.10 27.90 18.10
N ILE B 59 -3.85 27.18 17.27
CA ILE B 59 -5.10 26.53 17.68
C ILE B 59 -4.83 25.03 17.73
N PHE B 60 -4.98 24.44 18.91
CA PHE B 60 -4.58 23.06 19.17
C PHE B 60 -5.76 22.13 19.45
N ILE B 61 -6.98 22.55 19.08
CA ILE B 61 -8.15 21.72 19.36
C ILE B 61 -8.12 20.42 18.56
N PHE B 62 -7.34 20.35 17.49
CA PHE B 62 -7.25 19.14 16.69
C PHE B 62 -6.52 18.01 17.40
N LEU B 63 -5.86 18.30 18.52
CA LEU B 63 -5.13 17.25 19.25
C LEU B 63 -6.09 16.29 19.96
N GLN B 64 -7.31 16.71 20.23
CA GLN B 64 -8.29 15.85 20.89
C GLN B 64 -8.82 14.78 19.94
N VAL B 81 -6.57 3.24 21.51
CA VAL B 81 -5.36 2.74 22.15
C VAL B 81 -4.18 3.65 21.79
N LEU B 82 -4.18 4.16 20.56
CA LEU B 82 -3.16 5.09 20.10
C LEU B 82 -3.70 6.50 20.04
N ALA B 83 -2.79 7.47 20.00
CA ALA B 83 -3.17 8.84 19.79
C ALA B 83 -3.64 9.04 18.34
N PRO B 84 -4.55 9.98 18.11
CA PRO B 84 -4.96 10.28 16.73
C PRO B 84 -3.76 10.71 15.89
N ILE B 85 -3.88 10.50 14.58
CA ILE B 85 -2.76 10.79 13.68
C ILE B 85 -2.38 12.27 13.70
N PRO B 86 -3.31 13.23 13.64
CA PRO B 86 -2.89 14.63 13.79
C PRO B 86 -2.14 14.89 15.08
N ASN B 87 -2.57 14.27 16.18
CA ASN B 87 -1.81 14.36 17.42
C ASN B 87 -0.48 13.65 17.30
N ARG B 88 -0.47 12.47 16.68
CA ARG B 88 0.75 11.68 16.58
C ARG B 88 1.79 12.38 15.71
N VAL B 89 1.36 13.07 14.66
CA VAL B 89 2.29 13.76 13.77
C VAL B 89 2.88 14.98 14.46
N VAL B 90 2.05 15.75 15.17
CA VAL B 90 2.54 16.94 15.87
C VAL B 90 3.57 16.54 16.93
N GLN B 91 3.34 15.42 17.61
CA GLN B 91 4.32 14.94 18.58
C GLN B 91 5.63 14.59 17.88
N ARG B 92 5.56 13.90 16.75
CA ARG B 92 6.77 13.52 16.02
C ARG B 92 7.48 14.76 15.46
N ALA B 93 6.71 15.72 14.96
CA ALA B 93 7.31 16.95 14.45
C ALA B 93 7.93 17.78 15.55
N LEU B 94 7.34 17.76 16.75
CA LEU B 94 7.91 18.49 17.87
C LEU B 94 9.21 17.87 18.33
N LEU B 95 9.35 16.55 18.23
CA LEU B 95 10.56 15.88 18.71
C LEU B 95 11.75 16.18 17.82
N ASP B 96 11.59 16.02 16.51
CA ASP B 96 12.71 16.15 15.58
C ASP B 96 13.30 17.55 15.62
N VAL B 97 12.45 18.58 15.68
CA VAL B 97 12.94 19.95 15.74
C VAL B 97 13.69 20.19 17.05
N LEU B 98 13.15 19.69 18.16
CA LEU B 98 13.78 19.93 19.46
C LEU B 98 15.13 19.23 19.56
N GLN B 99 15.26 18.04 18.98
CA GLN B 99 16.50 17.29 19.12
C GLN B 99 17.61 17.81 18.21
N ARG B 100 17.29 18.64 17.21
CA ARG B 100 18.30 19.25 16.37
C ARG B 100 18.41 20.76 16.57
N ARG B 101 17.68 21.33 17.53
CA ARG B 101 17.75 22.77 17.78
C ARG B 101 18.03 23.08 19.24
N VAL B 102 17.59 22.22 20.15
CA VAL B 102 17.73 22.45 21.59
C VAL B 102 18.84 21.56 22.12
N ARG B 103 19.78 22.17 22.86
CA ARG B 103 20.91 21.42 23.40
C ARG B 103 20.45 20.37 24.40
N LEU B 104 19.47 20.72 25.24
CA LEU B 104 19.03 19.79 26.28
C LEU B 104 18.34 18.58 25.68
N VAL B 105 17.45 18.79 24.71
CA VAL B 105 16.75 17.67 24.08
C VAL B 105 17.74 16.79 23.31
N LYS B 106 18.72 17.42 22.65
CA LYS B 106 19.76 16.65 21.99
C LYS B 106 20.63 15.90 23.00
N ARG B 107 20.69 16.39 24.24
CA ARG B 107 21.55 15.79 25.26
C ARG B 107 20.86 14.63 25.96
N VAL B 108 19.58 14.79 26.33
CA VAL B 108 18.90 13.74 27.08
C VAL B 108 18.56 12.56 26.17
N LEU B 109 18.40 12.80 24.87
CA LEU B 109 18.15 11.70 23.94
C LEU B 109 19.42 10.93 23.60
N GLY B 110 20.59 11.50 23.89
CA GLY B 110 21.85 10.82 23.65
C GLY B 110 22.45 10.23 24.92
N THR B 111 21.62 10.03 25.93
CA THR B 111 22.08 9.43 27.17
C THR B 111 22.49 7.98 26.92
N PRO B 112 23.68 7.55 27.35
CA PRO B 112 24.11 6.18 27.06
C PRO B 112 23.18 5.12 27.65
N THR B 113 22.64 5.34 28.83
CA THR B 113 21.81 4.35 29.51
C THR B 113 20.32 4.55 29.26
N SER B 114 19.94 5.41 28.33
CA SER B 114 18.54 5.65 27.99
C SER B 114 18.29 5.22 26.56
N TYR B 115 17.28 4.37 26.37
CA TYR B 115 16.96 3.79 25.08
C TYR B 115 15.52 4.08 24.71
N GLY B 116 15.28 4.38 23.44
CA GLY B 116 13.94 4.65 22.96
C GLY B 116 13.88 5.62 21.80
N GLY B 117 14.92 6.45 21.66
CA GLY B 117 14.96 7.42 20.59
C GLY B 117 16.28 7.41 19.83
N ARG B 122 17.28 1.78 21.56
CA ARG B 122 16.29 0.84 21.09
C ARG B 122 16.30 -0.42 21.97
N VAL B 123 15.27 -1.27 21.81
CA VAL B 123 15.15 -2.45 22.65
C VAL B 123 16.33 -3.40 22.45
N ALA B 124 16.75 -3.57 21.20
CA ALA B 124 17.87 -4.46 20.92
C ALA B 124 19.18 -3.93 21.52
N MET B 125 19.34 -2.61 21.57
CA MET B 125 20.54 -2.04 22.16
C MET B 125 20.57 -2.23 23.67
N ALA B 126 19.43 -2.02 24.34
CA ALA B 126 19.39 -2.20 25.78
C ALA B 126 19.64 -3.66 26.17
N ILE B 127 19.06 -4.59 25.42
CA ILE B 127 19.25 -6.01 25.73
C ILE B 127 20.67 -6.44 25.38
N ALA B 128 21.26 -5.86 24.32
CA ALA B 128 22.66 -6.15 24.02
C ALA B 128 23.58 -5.59 25.09
N ASP B 129 23.27 -4.39 25.60
CA ASP B 129 24.05 -3.83 26.71
C ASP B 129 23.86 -4.65 27.98
N ALA B 130 22.63 -5.10 28.24
CA ALA B 130 22.39 -5.95 29.40
C ALA B 130 23.17 -7.25 29.30
N ARG B 131 23.13 -7.90 28.13
CA ARG B 131 23.87 -9.13 27.94
C ARG B 131 25.37 -8.92 28.11
N GLU B 132 25.87 -7.79 27.61
CA GLU B 132 27.30 -7.50 27.73
C GLU B 132 27.71 -7.29 29.19
N ALA B 133 26.84 -6.64 29.97
CA ALA B 133 27.15 -6.43 31.39
C ALA B 133 27.19 -7.75 32.15
N MET B 134 26.24 -8.64 31.88
CA MET B 134 26.22 -9.93 32.57
C MET B 134 27.43 -10.77 32.20
N ARG B 135 27.83 -10.74 30.92
CA ARG B 135 29.05 -11.43 30.52
C ARG B 135 30.29 -10.83 31.17
N THR B 136 30.19 -9.58 31.66
CA THR B 136 31.33 -8.92 32.27
C THR B 136 31.06 -8.55 33.72
N GLY B 137 30.62 -9.50 34.53
CA GLY B 137 30.60 -9.35 35.97
C GLY B 137 29.25 -9.05 36.61
N ALA B 138 28.23 -8.71 35.83
CA ALA B 138 26.91 -8.39 36.39
C ALA B 138 26.20 -9.71 36.71
N ARG B 139 26.48 -10.26 37.88
CA ARG B 139 25.92 -11.54 38.30
C ARG B 139 24.56 -11.41 38.98
N PHE B 140 24.13 -10.20 39.33
CA PHE B 140 22.86 -10.02 40.00
C PHE B 140 22.13 -8.83 39.41
N HIS B 141 20.81 -8.82 39.58
CA HIS B 141 19.98 -7.84 38.91
C HIS B 141 18.74 -7.54 39.73
N ILE B 142 18.17 -6.37 39.45
CA ILE B 142 16.81 -6.02 39.86
C ILE B 142 16.17 -5.29 38.69
N ARG B 143 15.05 -5.81 38.20
CA ARG B 143 14.29 -5.19 37.11
C ARG B 143 12.93 -4.79 37.66
N SER B 144 12.59 -3.51 37.52
CA SER B 144 11.36 -2.97 38.09
C SER B 144 10.76 -1.97 37.13
N ASP B 145 9.60 -1.43 37.51
CA ASP B 145 8.88 -0.42 36.75
C ASP B 145 8.44 0.71 37.67
N ILE B 146 8.32 1.90 37.12
CA ILE B 146 7.79 3.06 37.83
C ILE B 146 6.28 3.04 37.67
N PRO B 147 5.51 2.70 38.71
CA PRO B 147 4.07 2.52 38.53
C PRO B 147 3.36 3.85 38.25
N ALA B 148 2.42 3.79 37.31
CA ALA B 148 1.59 4.94 36.95
C ALA B 148 2.45 6.15 36.56
N PHE B 149 3.49 5.89 35.76
CA PHE B 149 4.48 6.92 35.48
C PHE B 149 3.86 8.14 34.78
N PHE B 150 3.21 7.91 33.64
CA PHE B 150 2.74 9.02 32.83
C PHE B 150 1.58 9.79 33.46
N THR B 151 0.89 9.20 34.45
CA THR B 151 -0.13 9.93 35.16
C THR B 151 0.39 10.58 36.44
N LYS B 152 1.47 10.08 37.01
CA LYS B 152 2.01 10.62 38.25
C LYS B 152 3.13 11.64 38.02
N ILE B 153 3.66 11.76 36.80
CA ILE B 153 4.70 12.76 36.56
C ILE B 153 4.08 14.15 36.59
N ASN B 154 4.86 15.11 37.10
CA ASN B 154 4.39 16.48 37.29
C ASN B 154 4.47 17.22 35.95
N LYS B 155 3.31 17.51 35.36
CA LYS B 155 3.26 18.27 34.11
C LYS B 155 3.98 19.60 34.25
N ASP B 156 3.82 20.26 35.40
CA ASP B 156 4.40 21.58 35.59
C ASP B 156 5.90 21.54 35.84
N ARG B 157 6.42 20.41 36.34
CA ARG B 157 7.87 20.28 36.45
C ARG B 157 8.50 20.08 35.08
N VAL B 158 7.80 19.39 34.17
CA VAL B 158 8.31 19.19 32.82
C VAL B 158 8.41 20.53 32.09
N LEU B 159 7.34 21.33 32.15
CA LEU B 159 7.38 22.66 31.57
C LEU B 159 8.42 23.53 32.26
N GLU B 160 8.60 23.34 33.58
CA GLU B 160 9.62 24.07 34.32
C GLU B 160 11.02 23.75 33.78
N LEU B 161 11.28 22.47 33.52
CA LEU B 161 12.59 22.06 33.04
C LEU B 161 12.81 22.41 31.57
N LEU B 162 11.74 22.69 30.83
CA LEU B 162 11.85 22.99 29.41
C LEU B 162 11.79 24.48 29.09
N ARG B 163 11.25 25.29 29.99
CA ARG B 163 10.97 26.69 29.66
C ARG B 163 12.20 27.47 29.21
N PRO B 164 13.32 27.47 29.94
CA PRO B 164 14.47 28.29 29.48
C PRO B 164 15.19 27.71 28.28
N HIS B 165 15.13 26.39 28.05
CA HIS B 165 15.79 25.79 26.91
C HIS B 165 15.04 25.99 25.60
N LEU B 166 13.77 26.41 25.66
CA LEU B 166 12.96 26.65 24.48
C LEU B 166 12.88 28.12 24.11
N ASN B 167 12.61 28.99 25.10
CA ASN B 167 12.43 30.43 24.86
C ASN B 167 11.40 30.69 23.79
N CYS B 168 10.31 29.91 23.83
CA CYS B 168 9.21 30.04 22.87
C CYS B 168 7.95 29.55 23.57
N GLU B 169 7.13 30.49 24.04
CA GLU B 169 5.91 30.13 24.75
C GLU B 169 4.90 29.41 23.86
N ALA B 170 5.02 29.56 22.54
CA ALA B 170 4.14 28.81 21.63
C ALA B 170 4.54 27.34 21.58
N THR B 171 5.83 27.07 21.43
CA THR B 171 6.30 25.68 21.46
C THR B 171 6.04 25.04 22.82
N LEU B 172 6.19 25.83 23.89
CA LEU B 172 5.95 25.29 25.23
C LEU B 172 4.48 24.93 25.41
N LYS B 173 3.56 25.77 24.94
CA LYS B 173 2.14 25.46 25.03
C LYS B 173 1.79 24.25 24.17
N LEU B 174 2.45 24.11 23.02
CA LEU B 174 2.23 22.93 22.19
C LEU B 174 2.68 21.66 22.92
N PHE B 175 3.87 21.70 23.52
CA PHE B 175 4.33 20.57 24.33
C PHE B 175 3.37 20.32 25.49
N GLU B 176 2.82 21.38 26.09
CA GLU B 176 1.89 21.23 27.19
C GLU B 176 0.58 20.59 26.73
N GLU B 177 0.10 20.96 25.54
CA GLU B 177 -1.13 20.36 25.03
C GLU B 177 -0.91 18.92 24.57
N ALA B 178 0.31 18.59 24.12
CA ALA B 178 0.60 17.21 23.76
C ALA B 178 0.54 16.31 24.98
N ILE B 179 0.97 16.81 26.13
CA ILE B 179 0.92 16.03 27.37
C ILE B 179 -0.52 15.88 27.84
N ARG B 180 -1.28 16.99 27.83
CA ARG B 180 -2.62 16.97 28.39
C ARG B 180 -3.56 16.10 27.57
N THR B 181 -3.42 16.10 26.24
CA THR B 181 -4.35 15.37 25.40
C THR B 181 -3.99 13.89 25.26
N ASP B 182 -2.71 13.55 25.28
CA ASP B 182 -2.30 12.19 24.96
C ASP B 182 -1.39 11.57 26.01
N LEU B 183 -0.26 12.22 26.32
CA LEU B 183 0.77 11.59 27.13
C LEU B 183 0.29 11.31 28.54
N ALA B 184 -0.40 12.27 29.17
CA ALA B 184 -0.86 12.07 30.54
C ALA B 184 -1.97 11.01 30.65
N ASN B 185 -2.52 10.58 29.52
CA ASN B 185 -3.58 9.56 29.51
C ASN B 185 -3.05 8.16 29.27
N ILE B 186 -1.73 7.98 29.18
CA ILE B 186 -1.13 6.66 28.98
C ILE B 186 -1.15 5.92 30.30
N ASP B 187 -2.24 5.22 30.58
CA ASP B 187 -2.38 4.47 31.82
C ASP B 187 -2.17 2.98 31.57
N ASP B 188 -2.25 2.21 32.66
CA ASP B 188 -1.96 0.77 32.57
C ASP B 188 -2.97 0.05 31.68
N LEU B 189 -4.23 0.49 31.70
CA LEU B 189 -5.23 -0.11 30.83
C LEU B 189 -4.90 0.13 29.35
N ARG B 190 -4.47 1.34 29.03
CA ARG B 190 -4.13 1.66 27.64
C ARG B 190 -2.85 0.95 27.20
N ARG B 191 -1.91 0.74 28.13
CA ARG B 191 -0.68 0.04 27.78
C ARG B 191 -0.93 -1.43 27.47
N LYS B 192 -1.86 -2.07 28.22
CA LYS B 192 -2.19 -3.45 27.94
C LYS B 192 -2.81 -3.62 26.57
N GLY B 193 -3.52 -2.59 26.08
CA GLY B 193 -3.99 -2.63 24.71
C GLY B 193 -2.87 -2.54 23.69
N LEU B 194 -1.78 -1.87 24.05
CA LEU B 194 -0.63 -1.77 23.15
C LEU B 194 0.14 -3.08 23.06
N ASP B 195 0.10 -3.90 24.11
CA ASP B 195 0.88 -5.13 24.12
C ASP B 195 0.36 -6.12 23.09
N GLU B 196 -0.96 -6.16 22.89
CA GLU B 196 -1.55 -7.03 21.88
C GLU B 196 -1.48 -6.46 20.48
N ILE B 197 -0.86 -5.30 20.31
CA ILE B 197 -0.72 -4.66 19.01
C ILE B 197 0.71 -4.74 18.49
N PHE B 198 1.70 -4.59 19.37
CA PHE B 198 3.09 -4.65 18.98
C PHE B 198 3.77 -5.89 19.54
N PRO B 199 4.68 -6.51 18.78
CA PRO B 199 5.36 -7.71 19.29
C PRO B 199 6.08 -7.47 20.61
N ILE B 200 6.87 -6.40 20.69
CA ILE B 200 7.46 -5.95 21.94
C ILE B 200 6.59 -4.80 22.41
N GLY B 201 5.79 -5.05 23.46
CA GLY B 201 4.70 -4.14 23.80
C GLY B 201 5.18 -2.73 24.14
N ILE B 202 6.31 -2.63 24.85
CA ILE B 202 6.78 -1.31 25.27
C ILE B 202 7.16 -0.43 24.08
N GLU B 203 7.46 -1.03 22.93
CA GLU B 203 7.71 -0.23 21.73
C GLU B 203 6.46 0.46 21.23
N GLY B 204 5.28 0.04 21.70
CA GLY B 204 4.05 0.69 21.27
C GLY B 204 3.91 2.09 21.85
N VAL B 205 4.30 2.27 23.13
CA VAL B 205 4.20 3.58 23.77
C VAL B 205 5.08 4.60 23.04
N ALA B 206 6.32 4.20 22.75
CA ALA B 206 7.26 5.12 22.11
C ALA B 206 6.83 5.50 20.69
N GLN B 207 5.91 4.76 20.10
CA GLN B 207 5.49 4.98 18.71
C GLN B 207 4.05 5.41 18.57
N GLY B 208 3.16 5.02 19.49
CA GLY B 208 1.85 5.64 19.54
C GLY B 208 1.86 7.02 20.15
N SER B 209 2.86 7.31 20.98
CA SER B 209 3.09 8.63 21.56
C SER B 209 4.55 8.95 21.36
N PRO B 210 4.92 9.62 20.26
CA PRO B 210 6.34 9.84 19.97
C PRO B 210 7.09 10.64 21.01
N LEU B 211 6.40 11.46 21.81
CA LEU B 211 7.08 12.29 22.81
C LEU B 211 7.34 11.55 24.11
N SER B 212 6.80 10.34 24.28
CA SER B 212 6.96 9.65 25.55
C SER B 212 8.42 9.32 25.91
N PRO B 213 9.29 8.89 24.98
CA PRO B 213 10.70 8.71 25.37
C PRO B 213 11.37 10.02 25.79
N LEU B 214 11.14 11.09 25.05
CA LEU B 214 11.70 12.39 25.43
C LEU B 214 11.13 12.88 26.75
N LEU B 215 9.81 12.70 26.95
CA LEU B 215 9.18 13.11 28.20
C LEU B 215 9.78 12.37 29.39
N ALA B 216 10.02 11.07 29.24
CA ALA B 216 10.60 10.29 30.34
C ALA B 216 12.07 10.62 30.54
N ASN B 217 12.80 10.92 29.46
CA ASN B 217 14.21 11.25 29.60
C ASN B 217 14.42 12.58 30.29
N ILE B 218 13.51 13.53 30.08
CA ILE B 218 13.61 14.83 30.77
C ILE B 218 13.29 14.67 32.25
N TYR B 219 12.28 13.87 32.57
CA TYR B 219 11.84 13.73 33.95
C TYR B 219 12.79 12.87 34.78
N LEU B 220 13.50 11.93 34.15
CA LEU B 220 14.36 11.00 34.86
C LEU B 220 15.85 11.19 34.55
N ALA B 221 16.23 12.37 34.06
CA ALA B 221 17.63 12.63 33.78
C ALA B 221 18.47 12.61 35.05
N ASP B 222 17.92 13.19 36.14
CA ASP B 222 18.61 13.10 37.43
C ASP B 222 18.69 11.66 37.91
N PHE B 223 17.61 10.90 37.72
CA PHE B 223 17.60 9.49 38.14
C PHE B 223 18.67 8.69 37.39
N ASP B 224 18.81 8.94 36.09
CA ASP B 224 19.81 8.21 35.30
C ASP B 224 21.22 8.50 35.81
N LEU B 225 21.53 9.78 36.03
CA LEU B 225 22.87 10.16 36.46
C LEU B 225 23.20 9.58 37.83
N ALA B 226 22.23 9.58 38.74
CA ALA B 226 22.49 9.11 40.10
C ALA B 226 22.66 7.60 40.16
N MET B 227 21.92 6.86 39.32
CA MET B 227 21.90 5.41 39.45
C MET B 227 23.09 4.74 38.78
N ASN B 228 23.70 5.38 37.78
CA ASN B 228 24.86 4.81 37.10
C ASN B 228 26.12 5.30 37.80
N SER B 229 26.42 4.67 38.94
CA SER B 229 27.59 5.00 39.73
C SER B 229 27.82 3.88 40.73
N ASN B 230 28.99 3.92 41.37
CA ASN B 230 29.34 2.99 42.45
C ASN B 230 29.29 1.54 41.98
N GLY B 231 29.71 1.30 40.73
CA GLY B 231 29.66 -0.04 40.19
C GLY B 231 28.27 -0.56 39.94
N ILE B 232 27.28 0.31 39.80
CA ILE B 232 25.91 -0.07 39.49
C ILE B 232 25.55 0.47 38.12
N THR B 233 25.12 -0.41 37.23
CA THR B 233 24.64 -0.02 35.91
C THR B 233 23.12 -0.03 35.91
N CYS B 234 22.52 1.07 35.46
CA CYS B 234 21.07 1.20 35.38
C CYS B 234 20.67 1.41 33.93
N LEU B 235 20.11 0.37 33.30
CA LEU B 235 19.58 0.48 31.95
C LEU B 235 18.08 0.77 32.04
N ARG B 236 17.65 1.85 31.40
CA ARG B 236 16.26 2.28 31.47
C ARG B 236 15.68 2.43 30.07
N TYR B 237 14.46 1.93 29.89
CA TYR B 237 13.69 2.12 28.67
C TYR B 237 12.36 2.74 29.07
N ILE B 238 12.24 4.05 28.87
CA ILE B 238 11.10 4.85 29.31
C ILE B 238 10.95 4.75 30.82
N ASP B 239 9.98 3.95 31.29
CA ASP B 239 9.72 3.82 32.71
C ASP B 239 10.08 2.43 33.25
N ASP B 240 10.73 1.61 32.44
CA ASP B 240 11.22 0.30 32.87
C ASP B 240 12.74 0.36 32.99
N PHE B 241 13.27 -0.03 34.14
CA PHE B 241 14.70 0.05 34.36
C PHE B 241 15.24 -1.27 34.92
N LEU B 242 16.54 -1.47 34.69
CA LEU B 242 17.24 -2.68 35.09
C LEU B 242 18.49 -2.29 35.84
N LEU B 243 18.62 -2.76 37.07
CA LEU B 243 19.81 -2.53 37.89
C LEU B 243 20.70 -3.76 37.83
N LEU B 244 21.97 -3.55 37.51
CA LEU B 244 22.94 -4.62 37.40
C LEU B 244 24.12 -4.36 38.33
N GLY B 245 24.59 -5.41 38.99
CA GLY B 245 25.67 -5.26 39.95
C GLY B 245 26.44 -6.55 40.11
N ALA B 246 27.53 -6.45 40.88
CA ALA B 246 28.39 -7.61 41.10
C ALA B 246 27.85 -8.53 42.19
N SER B 247 27.11 -7.99 43.15
CA SER B 247 26.57 -8.78 44.24
C SER B 247 25.11 -8.44 44.46
N LEU B 248 24.40 -9.34 45.16
CA LEU B 248 23.01 -9.08 45.51
C LEU B 248 22.89 -7.89 46.45
N SER B 249 23.90 -7.68 47.30
CA SER B 249 23.88 -6.53 48.20
C SER B 249 23.96 -5.22 47.42
N ASP B 250 24.74 -5.20 46.34
CA ASP B 250 24.92 -3.97 45.58
C ASP B 250 23.63 -3.56 44.88
N VAL B 251 22.91 -4.51 44.28
CA VAL B 251 21.66 -4.15 43.62
C VAL B 251 20.57 -3.84 44.65
N ASP B 252 20.64 -4.47 45.82
CA ASP B 252 19.70 -4.14 46.89
C ASP B 252 19.93 -2.70 47.38
N LYS B 253 21.19 -2.32 47.56
CA LYS B 253 21.51 -0.93 47.87
C LYS B 253 21.08 -0.01 46.74
N ALA B 254 21.24 -0.46 45.49
CA ALA B 254 20.89 0.37 44.34
C ALA B 254 19.39 0.63 44.31
N PHE B 255 18.58 -0.38 44.59
CA PHE B 255 17.13 -0.21 44.52
C PHE B 255 16.65 0.81 45.54
N ASN B 256 17.17 0.73 46.77
CA ASN B 256 16.80 1.71 47.79
C ASN B 256 17.29 3.11 47.42
N ARG B 257 18.48 3.20 46.82
CA ARG B 257 18.93 4.49 46.28
C ARG B 257 18.01 4.96 45.17
N ALA B 258 17.43 4.04 44.40
CA ALA B 258 16.52 4.42 43.33
C ALA B 258 15.18 4.90 43.90
N LEU B 259 14.70 4.24 44.97
CA LEU B 259 13.43 4.65 45.58
C LEU B 259 13.50 6.09 46.09
N LYS B 260 14.67 6.48 46.63
CA LYS B 260 14.81 7.85 47.11
C LYS B 260 14.87 8.84 45.95
N GLU B 261 15.60 8.49 44.87
CA GLU B 261 15.66 9.37 43.72
C GLU B 261 14.29 9.52 43.06
N LEU B 262 13.55 8.42 42.95
CA LEU B 262 12.17 8.51 42.45
C LEU B 262 11.29 9.26 43.44
N GLY B 263 11.56 9.12 44.74
CA GLY B 263 10.75 9.82 45.73
C GLY B 263 10.95 11.32 45.72
N LYS B 264 12.12 11.78 45.26
CA LYS B 264 12.35 13.22 45.13
C LYS B 264 11.41 13.87 44.13
N ILE B 265 10.88 13.10 43.18
CA ILE B 265 10.00 13.65 42.15
C ILE B 265 8.64 12.97 42.21
N GLY B 266 8.26 12.49 43.40
CA GLY B 266 6.95 11.89 43.61
C GLY B 266 6.68 10.62 42.84
N LEU B 267 7.68 9.76 42.71
CA LEU B 267 7.54 8.48 42.02
C LEU B 267 8.08 7.36 42.90
N GLU B 268 7.70 6.13 42.56
CA GLU B 268 8.19 4.96 43.26
C GLU B 268 8.51 3.88 42.23
N ALA B 269 8.81 2.68 42.71
CA ALA B 269 9.11 1.55 41.85
C ALA B 269 8.64 0.28 42.55
N TYR B 270 8.21 -0.68 41.75
CA TYR B 270 7.76 -1.96 42.30
C TYR B 270 8.90 -2.67 43.01
N ASP B 271 8.65 -3.10 44.24
CA ASP B 271 9.66 -3.83 45.00
C ASP B 271 9.55 -5.31 44.68
N PRO B 272 10.58 -5.94 44.12
CA PRO B 272 10.50 -7.38 43.82
C PRO B 272 10.34 -8.25 45.05
N ARG B 273 10.71 -7.76 46.23
CA ARG B 273 10.58 -8.52 47.45
C ARG B 273 9.14 -8.57 47.96
N THR B 274 8.31 -7.59 47.57
CA THR B 274 6.91 -7.56 47.98
C THR B 274 5.93 -7.68 46.83
N ASP B 275 6.37 -7.43 45.59
CA ASP B 275 5.55 -7.58 44.39
C ASP B 275 6.29 -8.53 43.46
N LYS B 276 6.11 -9.84 43.67
CA LYS B 276 6.89 -10.83 42.94
C LYS B 276 6.60 -10.76 41.43
N THR B 277 5.34 -10.48 41.06
CA THR B 277 4.97 -10.49 39.65
C THR B 277 5.26 -9.18 38.94
N LYS B 278 5.48 -8.08 39.68
CA LYS B 278 5.73 -6.79 39.07
C LYS B 278 7.21 -6.47 38.88
N ALA B 279 8.10 -7.22 39.53
CA ALA B 279 9.52 -6.94 39.44
C ALA B 279 10.30 -8.22 39.70
N SER B 280 11.54 -8.25 39.20
CA SER B 280 12.40 -9.41 39.34
C SER B 280 13.65 -9.03 40.12
N ARG B 281 14.30 -10.06 40.68
CA ARG B 281 15.47 -9.87 41.52
C ARG B 281 16.18 -11.21 41.67
N GLY B 282 17.50 -11.19 41.60
CA GLY B 282 18.28 -12.38 41.84
C GLY B 282 19.41 -12.50 40.84
N ALA B 283 19.95 -13.72 40.74
CA ALA B 283 21.09 -13.97 39.89
C ALA B 283 20.71 -13.85 38.42
N THR B 284 21.64 -13.35 37.62
CA THR B 284 21.42 -13.24 36.18
C THR B 284 21.64 -14.55 35.45
N GLU B 285 22.37 -15.50 36.05
CA GLU B 285 22.66 -16.76 35.39
C GLU B 285 21.39 -17.54 35.10
N ILE B 286 20.41 -17.47 36.00
CA ILE B 286 19.14 -18.16 35.78
C ILE B 286 18.26 -17.48 34.75
N GLY B 287 18.60 -16.25 34.36
CA GLY B 287 17.81 -15.54 33.37
C GLY B 287 16.68 -14.74 33.99
N PHE B 288 16.30 -13.67 33.29
CA PHE B 288 15.20 -12.82 33.73
C PHE B 288 14.59 -12.13 32.52
N ASP B 289 13.34 -11.70 32.69
CA ASP B 289 12.62 -11.03 31.62
C ASP B 289 12.96 -9.55 31.57
N PHE B 290 13.15 -9.03 30.36
CA PHE B 290 13.51 -7.63 30.17
C PHE B 290 13.04 -7.20 28.78
N LEU B 291 12.10 -6.24 28.75
CA LEU B 291 11.62 -5.63 27.51
C LEU B 291 11.05 -6.69 26.55
N GLY B 292 10.29 -7.63 27.11
CA GLY B 292 9.65 -8.65 26.31
C GLY B 292 10.51 -9.84 25.93
N CYS B 293 11.76 -9.89 26.43
CA CYS B 293 12.67 -10.99 26.11
C CYS B 293 13.19 -11.61 27.40
N ASN B 294 13.49 -12.89 27.34
CA ASN B 294 14.19 -13.57 28.43
C ASN B 294 15.69 -13.42 28.20
N VAL B 295 16.35 -12.73 29.12
CA VAL B 295 17.73 -12.32 28.93
C VAL B 295 18.60 -13.12 29.90
N SER B 296 19.45 -13.98 29.34
CA SER B 296 20.52 -14.66 30.04
C SER B 296 21.86 -14.07 29.59
N PRO B 297 22.92 -14.27 30.37
CA PRO B 297 24.25 -13.87 29.89
C PRO B 297 24.65 -14.55 28.59
N GLY B 298 23.97 -15.63 28.20
CA GLY B 298 24.31 -16.33 26.98
C GLY B 298 23.18 -16.54 26.00
N LEU B 299 21.93 -16.49 26.47
CA LEU B 299 20.77 -16.80 25.65
C LEU B 299 19.79 -15.63 25.65
N ILE B 300 19.43 -15.17 24.45
CA ILE B 300 18.44 -14.12 24.26
C ILE B 300 17.32 -14.69 23.41
N GLN B 301 16.10 -14.62 23.92
CA GLN B 301 14.94 -15.19 23.23
C GLN B 301 13.71 -14.43 23.68
N PRO B 302 12.63 -14.47 22.90
CA PRO B 302 11.37 -13.87 23.37
C PRO B 302 10.91 -14.50 24.67
N SER B 303 10.36 -13.68 25.56
CA SER B 303 9.93 -14.16 26.86
C SER B 303 8.79 -15.16 26.72
N GLU B 304 8.55 -15.91 27.80
CA GLU B 304 7.45 -16.87 27.81
C GLU B 304 6.11 -16.19 27.61
N ALA B 305 5.95 -14.99 28.17
CA ALA B 305 4.70 -14.25 27.99
C ALA B 305 4.55 -13.78 26.55
N THR B 306 5.66 -13.38 25.91
CA THR B 306 5.59 -12.97 24.51
C THR B 306 5.28 -14.15 23.60
N ARG B 307 5.86 -15.32 23.88
CA ARG B 307 5.56 -16.49 23.08
C ARG B 307 4.14 -16.98 23.30
N ARG B 308 3.65 -16.90 24.54
CA ARG B 308 2.26 -17.25 24.82
C ARG B 308 1.31 -16.35 24.05
N ARG B 309 1.62 -15.05 23.99
CA ARG B 309 0.79 -14.13 23.22
C ARG B 309 0.85 -14.46 21.73
N PHE B 310 2.00 -14.93 21.25
CA PHE B 310 2.15 -15.24 19.83
C PHE B 310 1.42 -16.54 19.48
N ARG B 311 1.52 -17.55 20.34
CA ARG B 311 0.79 -18.79 20.08
C ARG B 311 -0.72 -18.58 20.15
N ALA B 312 -1.17 -17.65 20.99
CA ALA B 312 -2.61 -17.37 21.06
C ALA B 312 -3.07 -16.61 19.82
N LYS B 313 -2.23 -15.72 19.30
CA LYS B 313 -2.58 -15.03 18.06
C LYS B 313 -2.69 -16.01 16.89
N LEU B 314 -1.77 -16.97 16.82
CA LEU B 314 -1.82 -17.97 15.75
C LEU B 314 -3.01 -18.89 15.90
N ASP B 315 -3.36 -19.28 17.13
CA ASP B 315 -4.52 -20.13 17.34
C ASP B 315 -5.79 -19.47 16.83
N ALA B 316 -5.93 -18.16 17.03
CA ALA B 316 -7.13 -17.45 16.57
C ALA B 316 -7.22 -17.47 15.05
N GLU B 317 -6.09 -17.33 14.35
CA GLU B 317 -6.12 -17.37 12.89
C GLU B 317 -6.45 -18.76 12.38
N PHE B 318 -5.87 -19.80 13.00
CA PHE B 318 -6.15 -21.16 12.55
C PHE B 318 -7.58 -21.56 12.90
N VAL B 319 -8.10 -21.09 14.04
CA VAL B 319 -9.51 -21.35 14.37
C VAL B 319 -10.42 -20.67 13.37
N ALA B 320 -10.11 -19.41 13.04
CA ALA B 320 -10.91 -18.69 12.04
C ALA B 320 -10.81 -19.38 10.68
N ALA B 321 -9.62 -19.89 10.34
CA ALA B 321 -9.47 -20.61 9.08
C ALA B 321 -10.22 -21.93 9.10
N SER B 322 -10.29 -22.59 10.27
CA SER B 322 -11.00 -23.86 10.35
C SER B 322 -12.51 -23.67 10.24
N HIS B 323 -13.04 -22.60 10.84
CA HIS B 323 -14.46 -22.32 10.71
C HIS B 323 -14.82 -21.93 9.29
N ALA B 324 -13.93 -21.23 8.60
CA ALA B 324 -14.22 -20.79 7.24
C ALA B 324 -14.24 -21.96 6.26
N LEU B 325 -13.50 -23.03 6.56
CA LEU B 325 -13.56 -24.22 5.72
C LEU B 325 -14.98 -24.79 5.68
N ARG B 326 -15.59 -24.93 6.86
CA ARG B 326 -16.96 -25.45 6.93
C ARG B 326 -17.97 -24.42 6.43
N TYR B 327 -17.73 -23.13 6.68
CA TYR B 327 -18.67 -22.11 6.23
C TYR B 327 -18.70 -22.01 4.72
N ASN B 328 -17.53 -21.88 4.08
CA ASN B 328 -17.47 -21.74 2.64
C ASN B 328 -17.95 -22.99 1.91
N ALA B 329 -17.93 -24.15 2.55
CA ALA B 329 -18.41 -25.37 1.92
C ALA B 329 -19.93 -25.43 1.88
N GLN B 330 -20.60 -24.80 2.85
CA GLN B 330 -22.06 -24.80 2.91
C GLN B 330 -22.69 -23.54 2.36
N TYR B 331 -22.03 -22.39 2.49
CA TYR B 331 -22.63 -21.11 2.17
C TYR B 331 -21.79 -20.36 1.14
N GLN B 332 -22.46 -19.48 0.40
CA GLN B 332 -21.85 -18.75 -0.70
C GLN B 332 -21.55 -17.31 -0.37
N ASP B 333 -21.83 -16.86 0.85
CA ASP B 333 -21.50 -15.51 1.30
C ASP B 333 -20.30 -15.51 2.25
N GLY B 334 -19.42 -16.51 2.13
CA GLY B 334 -18.27 -16.58 3.00
C GLY B 334 -17.29 -15.46 2.72
N ASP B 335 -16.70 -14.94 3.79
CA ASP B 335 -15.69 -13.88 3.67
C ASP B 335 -14.39 -14.50 3.18
N GLY B 336 -13.93 -14.07 2.01
CA GLY B 336 -12.70 -14.60 1.45
C GLY B 336 -11.47 -14.33 2.28
N LYS B 337 -11.55 -13.36 3.21
CA LYS B 337 -10.42 -13.02 4.06
C LYS B 337 -9.91 -14.23 4.83
N TYR B 338 -10.81 -15.15 5.19
CA TYR B 338 -10.44 -16.34 5.95
C TYR B 338 -10.49 -17.61 5.10
N SER B 339 -10.48 -17.47 3.78
CA SER B 339 -10.38 -18.64 2.92
C SER B 339 -9.00 -19.29 3.07
N TYR B 340 -8.86 -20.49 2.52
CA TYR B 340 -7.63 -21.26 2.69
C TYR B 340 -6.42 -20.50 2.16
N SER B 341 -6.54 -19.93 0.96
CA SER B 341 -5.43 -19.18 0.39
C SER B 341 -5.17 -17.89 1.15
N SER B 342 -6.24 -17.18 1.54
CA SER B 342 -6.06 -15.92 2.26
C SER B 342 -5.52 -16.15 3.66
N ALA B 343 -6.04 -17.16 4.37
CA ALA B 343 -5.59 -17.42 5.72
C ALA B 343 -4.11 -17.79 5.76
N LEU B 344 -3.71 -18.76 4.93
CA LEU B 344 -2.30 -19.11 4.84
C LEU B 344 -1.45 -17.92 4.42
N TYR B 345 -2.02 -17.01 3.62
CA TYR B 345 -1.29 -15.82 3.20
C TYR B 345 -1.10 -14.85 4.36
N ARG B 346 -2.15 -14.63 5.16
CA ARG B 346 -2.06 -13.68 6.25
C ARG B 346 -1.26 -14.26 7.42
N ILE B 347 -1.41 -15.55 7.69
CA ILE B 347 -0.61 -16.19 8.75
C ILE B 347 0.88 -16.09 8.42
N ASP B 348 1.22 -16.24 7.14
CA ASP B 348 2.61 -16.09 6.72
C ASP B 348 3.14 -14.69 7.04
N LYS B 349 2.33 -13.67 6.82
CA LYS B 349 2.77 -12.30 7.10
C LYS B 349 2.84 -12.05 8.60
N ILE B 350 1.92 -12.63 9.36
CA ILE B 350 1.97 -12.53 10.82
C ILE B 350 3.27 -13.13 11.34
N ILE B 351 3.70 -14.25 10.76
CA ILE B 351 4.95 -14.87 11.17
C ILE B 351 6.14 -14.01 10.75
N LEU B 352 6.08 -13.41 9.56
CA LEU B 352 7.16 -12.56 9.10
C LEU B 352 7.35 -11.35 10.03
N GLY B 353 6.24 -10.67 10.37
CA GLY B 353 6.34 -9.49 11.19
C GLY B 353 6.84 -9.78 12.59
N TRP B 354 6.42 -10.93 13.16
CA TRP B 354 6.82 -11.26 14.52
C TRP B 354 8.29 -11.69 14.57
N GLY B 355 8.73 -12.51 13.62
CA GLY B 355 10.11 -12.95 13.62
C GLY B 355 11.09 -11.82 13.35
N LYS B 356 10.71 -10.86 12.50
CA LYS B 356 11.60 -9.73 12.22
C LYS B 356 11.80 -8.85 13.43
N ALA B 357 10.82 -8.79 14.34
CA ALA B 357 10.96 -8.00 15.56
C ALA B 357 11.92 -8.63 16.55
N PHE B 358 12.28 -9.91 16.38
CA PHE B 358 13.16 -10.61 17.30
C PHE B 358 14.39 -11.18 16.59
N THR B 359 14.85 -10.50 15.52
CA THR B 359 16.04 -10.96 14.81
C THR B 359 17.32 -10.77 15.63
N PHE B 360 17.27 -9.95 16.69
CA PHE B 360 18.42 -9.79 17.56
C PHE B 360 18.54 -10.93 18.57
N CYS B 361 17.59 -11.84 18.61
CA CYS B 361 17.63 -12.98 19.52
C CYS B 361 18.43 -14.13 18.92
N ASN B 362 19.08 -14.90 19.79
CA ASN B 362 19.84 -16.07 19.37
C ASN B 362 19.23 -17.38 19.85
N GLY B 363 18.07 -17.34 20.50
CA GLY B 363 17.42 -18.56 20.92
C GLY B 363 16.77 -19.30 19.77
N SER B 364 17.42 -20.36 19.31
CA SER B 364 16.91 -21.15 18.19
C SER B 364 15.92 -22.22 18.62
N GLN B 365 16.01 -22.69 19.86
CA GLN B 365 15.12 -23.76 20.31
C GLN B 365 13.66 -23.32 20.36
N CYS B 366 13.41 -22.11 20.88
CA CYS B 366 12.04 -21.64 20.99
C CYS B 366 11.47 -21.28 19.62
N MET B 367 12.31 -20.83 18.69
CA MET B 367 11.83 -20.58 17.33
C MET B 367 11.44 -21.88 16.64
N ILE B 368 12.24 -22.93 16.80
CA ILE B 368 11.92 -24.22 16.21
C ILE B 368 10.70 -24.83 16.90
N ALA B 369 10.59 -24.63 18.22
CA ALA B 369 9.40 -25.10 18.94
C ALA B 369 8.16 -24.36 18.45
N LEU B 370 8.29 -23.06 18.17
CA LEU B 370 7.18 -22.32 17.59
C LEU B 370 6.88 -22.79 16.17
N ASP B 371 7.94 -23.11 15.40
CA ASP B 371 7.72 -23.63 14.05
C ASP B 371 6.97 -24.95 14.08
N ASP B 372 7.33 -25.85 15.00
CA ASP B 372 6.61 -27.11 15.11
C ASP B 372 5.16 -26.89 15.50
N PHE B 373 4.90 -25.88 16.34
CA PHE B 373 3.53 -25.52 16.65
C PHE B 373 2.78 -25.02 15.42
N ILE B 374 3.46 -24.23 14.58
CA ILE B 374 2.84 -23.71 13.37
C ILE B 374 2.58 -24.83 12.37
N SER B 375 3.60 -25.68 12.15
CA SER B 375 3.44 -26.78 11.21
C SER B 375 2.38 -27.77 11.67
N ASN B 376 2.20 -27.92 12.99
CA ASN B 376 1.21 -28.86 13.51
C ASN B 376 -0.20 -28.35 13.22
N LYS B 377 -0.48 -27.08 13.54
CA LYS B 377 -1.80 -26.53 13.25
C LYS B 377 -2.05 -26.44 11.75
N LEU B 378 -1.01 -26.19 10.97
CA LEU B 378 -1.15 -26.19 9.52
C LEU B 378 -1.52 -27.57 9.00
N ALA B 379 -0.99 -28.62 9.64
CA ALA B 379 -1.34 -29.98 9.25
C ALA B 379 -2.77 -30.31 9.62
N GLN B 380 -3.25 -29.80 10.76
CA GLN B 380 -4.66 -29.96 11.12
C GLN B 380 -5.55 -29.28 10.09
N LEU B 381 -5.18 -28.07 9.66
CA LEU B 381 -5.97 -27.35 8.67
C LEU B 381 -5.91 -28.05 7.32
N GLU B 382 -4.75 -28.56 6.93
CA GLU B 382 -4.62 -29.26 5.66
C GLU B 382 -5.46 -30.54 5.65
N ALA B 383 -5.43 -31.29 6.76
CA ALA B 383 -6.22 -32.52 6.84
C ALA B 383 -7.72 -32.20 6.86
N GLU B 384 -8.11 -31.11 7.52
CA GLU B 384 -9.51 -30.73 7.55
C GLU B 384 -10.00 -30.29 6.17
N LYS B 385 -9.15 -29.58 5.42
CA LYS B 385 -9.52 -29.16 4.08
C LYS B 385 -9.71 -30.36 3.15
N ILE B 386 -8.85 -31.37 3.29
CA ILE B 386 -8.94 -32.54 2.41
C ILE B 386 -10.23 -33.30 2.65
N ALA B 387 -10.62 -33.49 3.91
CA ALA B 387 -11.85 -34.21 4.22
C ALA B 387 -13.08 -33.44 3.73
N ILE B 388 -13.04 -32.11 3.76
CA ILE B 388 -14.19 -31.33 3.34
C ILE B 388 -14.31 -31.33 1.82
N LEU B 389 -13.18 -31.17 1.11
CA LEU B 389 -13.19 -31.06 -0.34
C LEU B 389 -13.28 -32.40 -1.05
N ALA B 390 -13.16 -33.51 -0.33
CA ALA B 390 -13.32 -34.82 -0.97
C ALA B 390 -14.77 -35.01 -1.41
N ASN B 391 -14.95 -35.42 -2.66
CA ASN B 391 -16.27 -35.61 -3.28
C ASN B 391 -17.07 -34.32 -3.34
N SER B 392 -16.40 -33.17 -3.34
CA SER B 392 -17.06 -31.89 -3.52
C SER B 392 -17.02 -31.48 -4.99
N ASP B 393 -17.91 -30.56 -5.35
CA ASP B 393 -17.96 -30.09 -6.72
C ASP B 393 -16.96 -28.94 -6.92
N SER B 394 -16.83 -28.48 -8.16
CA SER B 394 -15.82 -27.48 -8.48
C SER B 394 -16.10 -26.14 -7.79
N THR B 395 -17.36 -25.75 -7.71
CA THR B 395 -17.69 -24.45 -7.13
C THR B 395 -17.44 -24.42 -5.63
N VAL B 396 -17.61 -25.56 -4.94
CA VAL B 396 -17.30 -25.61 -3.52
C VAL B 396 -15.79 -25.45 -3.30
N ARG B 397 -14.98 -26.12 -4.13
CA ARG B 397 -13.53 -25.98 -4.01
C ARG B 397 -13.08 -24.54 -4.23
N ARG B 398 -13.79 -23.81 -5.09
CA ARG B 398 -13.43 -22.41 -5.34
C ARG B 398 -13.65 -21.55 -4.10
N ARG B 399 -14.79 -21.73 -3.42
CA ARG B 399 -15.09 -20.92 -2.24
C ARG B 399 -14.18 -21.29 -1.07
N VAL B 400 -13.86 -22.58 -0.93
CA VAL B 400 -13.04 -23.02 0.19
C VAL B 400 -11.59 -22.58 0.01
N LEU B 401 -11.06 -22.78 -1.19
CA LEU B 401 -9.66 -22.42 -1.44
C LEU B 401 -9.46 -20.91 -1.54
N GLY B 402 -10.50 -20.17 -1.91
CA GLY B 402 -10.40 -18.73 -1.98
C GLY B 402 -10.04 -18.22 -3.36
N VAL B 403 -10.74 -18.70 -4.39
CA VAL B 403 -10.55 -18.25 -5.76
C VAL B 403 -11.94 -17.94 -6.31
N ARG B 404 -12.21 -16.66 -6.56
CA ARG B 404 -13.56 -16.21 -6.89
C ARG B 404 -14.09 -16.90 -8.14
N LEU B 405 -15.42 -16.93 -8.24
CA LEU B 405 -16.10 -17.28 -9.48
C LEU B 405 -16.33 -16.01 -10.29
N LEU B 406 -16.04 -16.08 -11.58
CA LEU B 406 -16.34 -14.95 -12.45
C LEU B 406 -17.84 -14.69 -12.53
N ILE B 407 -18.65 -15.74 -12.39
CA ILE B 407 -20.10 -15.57 -12.52
C ILE B 407 -20.66 -14.80 -11.33
N ASP B 408 -20.02 -14.90 -10.17
CA ASP B 408 -20.49 -14.15 -9.01
C ASP B 408 -20.20 -12.67 -9.17
N ILE B 409 -19.04 -12.33 -9.74
CA ILE B 409 -18.69 -10.93 -9.96
C ILE B 409 -19.69 -10.28 -10.93
N GLN B 410 -20.08 -11.02 -11.97
CA GLN B 410 -21.03 -10.47 -12.94
C GLN B 410 -22.43 -10.37 -12.35
N ASN B 411 -22.88 -11.41 -11.63
CA ASN B 411 -24.20 -11.38 -11.01
C ASN B 411 -24.36 -10.15 -10.12
C URE C . 10.90 -19.54 -7.29
O URE C . 11.61 -19.00 -6.42
N1 URE C . 9.63 -19.90 -7.03
N2 URE C . 11.37 -19.79 -8.52
C URE D . -11.59 -4.08 -31.40
O URE D . -11.81 -4.81 -30.39
N1 URE D . -11.15 -4.60 -32.55
N2 URE D . -11.80 -2.76 -31.35
#